data_7U8T
#
_entry.id   7U8T
#
_cell.length_a   83.735
_cell.length_b   91.225
_cell.length_c   132.769
_cell.angle_alpha   90.000
_cell.angle_beta   102.160
_cell.angle_gamma   90.000
#
_symmetry.space_group_name_H-M   'P 1 21 1'
#
_entity_poly.entity_id   1
_entity_poly.type   'polypeptide(L)'
_entity_poly.pdbx_seq_one_letter_code
;MVSLVELDPAPIAEDAVVDAPYRIRNYTGFDVIISTKRQIPGASPTTEQQLPTMTLRLEDGQEAPWSFEEWEKMRESLMT
ESSTANSISVQLVGSGFQEVKSIRLTREGEFLFGLKPKTQQVLHKLLVEIKLGKDNIKYVTLRSPLLVENDTGIVVELGV
YDAHEGHLLKIERINPGESKPAPVGAAYFKSLLVRPDPGFKYGWSSDTLWWRDLLKRPTKTLVCKSEQYGGEVFYFRLHA
RWDQANPLTRNYPYMRLKLTAPLTIENLLPYDFKYKIYDRVNKQEWNNFLRKGGSIPVHMVDLSHTFLLGIEMQDTPFQA
SEFVVINTGNADDFKKDSHLVVKDNAGMPLNLRLHYFRIPDGGGSFKVTVYSPYVILNKTGLDVSVRSKGFMQSARAAAG
QTLIDVGGDGQKKARPLMFSFHNDDHRNRALLKAGDSEWSKPQSFDAIGSTTEVVLQTANRNAEIHLGVTVDSGQGKYKM
VKVVTLAPRYVIHNKLGEDINIREPSSSFWIPLKHGAHRPLHWLQRGAVKQLCLCYPGVDNQWTAPFNISDLGITHLKIA
RAGQRQRLIRVEILMEDATIFLNLSMEQRNWPFSMRNESDTEFTFYQVNPTIEEDASEDRSGWRPVRYRLPPRSIMPYAW
DFPAAKHKEICICAYNKERHVKLQEIGNLMPMKLALPNGESKTIDINVTADGPTQTLILSNYRQSKSLYRQHHHHHH
;
_entity_poly.pdbx_strand_id   A,B
#
# COMPACT_ATOMS: atom_id res chain seq x y z
N SER A 3 -30.50 11.54 39.52
CA SER A 3 -29.72 11.36 38.30
C SER A 3 -29.11 12.67 37.83
N LEU A 4 -28.56 12.66 36.62
CA LEU A 4 -27.98 13.85 36.02
C LEU A 4 -28.75 14.24 34.78
N VAL A 5 -28.67 15.53 34.44
CA VAL A 5 -29.46 16.10 33.34
C VAL A 5 -28.75 15.79 32.03
N GLU A 6 -29.42 15.02 31.17
CA GLU A 6 -28.84 14.62 29.89
C GLU A 6 -28.97 15.75 28.89
N LEU A 7 -27.86 16.12 28.27
CA LEU A 7 -27.83 17.21 27.31
C LEU A 7 -27.43 16.72 25.93
N ASP A 8 -27.91 17.43 24.92
CA ASP A 8 -27.49 17.18 23.56
C ASP A 8 -26.07 17.71 23.36
N PRO A 9 -25.27 17.09 22.48
CA PRO A 9 -23.86 17.50 22.35
C PRO A 9 -23.61 18.75 21.51
N ALA A 10 -24.56 19.67 21.42
CA ALA A 10 -24.39 20.89 20.65
C ALA A 10 -23.46 21.88 21.37
N PRO A 11 -22.64 22.64 20.62
CA PRO A 11 -21.70 23.57 21.27
C PRO A 11 -22.34 24.86 21.81
N ILE A 12 -21.48 25.80 22.20
CA ILE A 12 -21.94 27.06 22.79
C ILE A 12 -22.35 28.04 21.69
N ALA A 20 -13.29 38.78 26.78
CA ALA A 20 -12.16 39.59 26.33
C ALA A 20 -11.73 39.20 24.91
N PRO A 21 -12.36 39.81 23.90
CA PRO A 21 -11.99 39.50 22.51
C PRO A 21 -10.72 40.20 22.03
N TYR A 22 -10.12 41.10 22.81
CA TYR A 22 -8.90 41.77 22.40
C TYR A 22 -7.80 41.59 23.45
N ARG A 23 -6.56 41.64 23.00
CA ARG A 23 -5.40 41.66 23.89
C ARG A 23 -4.42 42.67 23.34
N ILE A 24 -4.11 43.69 24.13
CA ILE A 24 -3.27 44.81 23.70
C ILE A 24 -1.96 44.75 24.47
N ARG A 25 -0.84 44.78 23.73
CA ARG A 25 0.48 44.92 24.31
C ARG A 25 1.09 46.26 23.92
N ASN A 26 1.93 46.79 24.80
CA ASN A 26 2.54 48.11 24.65
C ASN A 26 4.04 47.90 24.43
N TYR A 27 4.48 48.03 23.18
CA TYR A 27 5.88 47.87 22.83
C TYR A 27 6.46 49.17 22.28
N THR A 28 5.90 50.31 22.71
CA THR A 28 6.28 51.61 22.15
C THR A 28 7.54 52.20 22.78
N GLY A 29 7.99 51.67 23.91
CA GLY A 29 9.04 52.31 24.65
C GLY A 29 8.58 53.41 25.57
N PHE A 30 7.27 53.61 25.69
CA PHE A 30 6.69 54.61 26.59
C PHE A 30 5.50 53.99 27.29
N ASP A 31 5.07 54.63 28.38
CA ASP A 31 3.80 54.28 28.99
C ASP A 31 2.67 54.85 28.13
N VAL A 32 1.58 54.10 28.00
CA VAL A 32 0.47 54.54 27.17
C VAL A 32 -0.82 54.56 27.99
N ILE A 33 -1.76 55.36 27.51
CA ILE A 33 -3.11 55.42 28.03
C ILE A 33 -4.06 55.18 26.85
N ILE A 34 -4.89 54.15 26.96
CA ILE A 34 -5.81 53.72 25.91
C ILE A 34 -7.23 53.96 26.40
N SER A 35 -7.95 54.82 25.70
CA SER A 35 -9.31 55.20 26.09
C SER A 35 -10.24 54.99 24.91
N THR A 36 -11.40 54.39 25.17
CA THR A 36 -12.39 54.24 24.12
C THR A 36 -13.08 55.57 23.84
N LYS A 37 -13.63 55.69 22.63
CA LYS A 37 -14.25 56.95 22.21
C LYS A 37 -15.78 56.82 22.23
N THR A 53 -14.33 56.94 28.03
CA THR A 53 -15.23 56.25 28.94
C THR A 53 -14.43 55.25 29.77
N MET A 54 -13.91 54.21 29.11
CA MET A 54 -13.09 53.19 29.76
C MET A 54 -11.63 53.40 29.39
N THR A 55 -10.78 53.50 30.40
CA THR A 55 -9.37 53.79 30.20
C THR A 55 -8.52 52.63 30.73
N LEU A 56 -7.35 52.45 30.12
CA LEU A 56 -6.39 51.44 30.53
C LEU A 56 -4.99 52.03 30.41
N ARG A 57 -4.27 52.07 31.52
CA ARG A 57 -2.89 52.54 31.54
C ARG A 57 -1.98 51.32 31.45
N LEU A 58 -1.07 51.33 30.48
CA LEU A 58 -0.15 50.22 30.25
C LEU A 58 1.28 50.73 30.33
N GLU A 59 2.10 50.02 31.10
CA GLU A 59 3.52 50.30 31.12
C GLU A 59 4.20 49.69 29.89
N ASP A 60 5.46 50.06 29.69
CA ASP A 60 6.23 49.60 28.54
C ASP A 60 6.58 48.13 28.69
N GLY A 61 6.15 47.32 27.73
CA GLY A 61 6.43 45.89 27.74
C GLY A 61 5.34 45.03 28.34
N GLN A 62 4.27 45.62 28.85
CA GLN A 62 3.19 44.86 29.48
C GLN A 62 2.02 44.71 28.52
N GLU A 63 1.27 43.63 28.72
CA GLU A 63 0.09 43.32 27.92
C GLU A 63 -1.10 43.11 28.83
N ALA A 64 -2.29 43.39 28.30
CA ALA A 64 -3.53 43.30 29.07
C ALA A 64 -4.68 43.04 28.12
N PRO A 65 -5.71 42.30 28.55
CA PRO A 65 -6.90 42.12 27.69
C PRO A 65 -7.73 43.39 27.60
N TRP A 66 -8.62 43.40 26.62
CA TRP A 66 -9.40 44.58 26.28
C TRP A 66 -10.71 44.16 25.63
N SER A 67 -11.80 44.79 26.07
CA SER A 67 -13.14 44.58 25.54
C SER A 67 -13.86 45.92 25.49
N PHE A 68 -14.81 46.03 24.56
CA PHE A 68 -15.56 47.26 24.33
C PHE A 68 -16.90 47.28 25.06
N GLU A 69 -16.98 46.61 26.21
CA GLU A 69 -18.18 46.43 27.05
C GLU A 69 -19.38 45.87 26.28
N THR A 84 -16.97 56.29 16.60
CA THR A 84 -16.69 55.53 17.82
C THR A 84 -16.58 54.02 17.51
N ALA A 85 -17.71 53.32 17.67
CA ALA A 85 -17.88 51.88 17.41
C ALA A 85 -16.87 51.02 18.16
N ASN A 86 -15.95 50.37 17.43
CA ASN A 86 -14.96 49.51 18.05
C ASN A 86 -13.56 50.09 17.90
N SER A 87 -13.40 51.37 18.19
CA SER A 87 -12.11 52.02 18.07
C SER A 87 -11.62 52.51 19.42
N ILE A 88 -10.30 52.69 19.53
CA ILE A 88 -9.67 53.19 20.74
C ILE A 88 -8.92 54.48 20.44
N SER A 89 -8.28 55.04 21.46
CA SER A 89 -7.41 56.19 21.30
C SER A 89 -6.21 56.01 22.22
N VAL A 90 -5.01 56.17 21.67
CA VAL A 90 -3.76 55.84 22.34
C VAL A 90 -2.95 57.12 22.53
N GLN A 91 -2.53 57.39 23.77
CA GLN A 91 -1.64 58.50 24.06
C GLN A 91 -0.37 57.97 24.71
N LEU A 92 0.78 58.32 24.14
CA LEU A 92 2.08 57.91 24.65
C LEU A 92 2.53 58.91 25.71
N VAL A 93 2.57 58.47 26.96
CA VAL A 93 2.87 59.35 28.09
C VAL A 93 4.37 59.64 28.12
N GLY A 94 4.72 60.93 28.22
CA GLY A 94 6.11 61.33 28.32
C GLY A 94 6.86 61.35 27.01
N SER A 95 6.14 61.27 25.89
CA SER A 95 6.76 61.23 24.57
C SER A 95 6.74 62.59 23.87
N GLY A 96 5.92 63.53 24.34
CA GLY A 96 5.76 64.79 23.62
C GLY A 96 4.97 64.66 22.35
N PHE A 97 4.12 63.64 22.24
CA PHE A 97 3.31 63.41 21.05
C PHE A 97 1.84 63.51 21.41
N GLN A 98 1.02 63.90 20.43
CA GLN A 98 -0.41 64.03 20.66
C GLN A 98 -1.08 62.66 20.74
N GLU A 99 -2.28 62.65 21.31
CA GLU A 99 -3.04 61.41 21.42
C GLU A 99 -3.63 61.03 20.07
N VAL A 100 -3.27 59.83 19.60
CA VAL A 100 -3.79 59.33 18.33
C VAL A 100 -5.24 58.90 18.52
N LYS A 101 -6.14 59.52 17.77
CA LYS A 101 -7.56 59.19 17.84
C LYS A 101 -7.97 58.29 16.68
N SER A 102 -9.06 57.56 16.89
CA SER A 102 -9.78 56.76 15.89
C SER A 102 -8.91 55.63 15.31
N ILE A 103 -8.53 54.70 16.16
CA ILE A 103 -7.80 53.49 15.76
C ILE A 103 -8.80 52.34 15.81
N ARG A 104 -9.38 51.99 14.66
CA ARG A 104 -10.35 50.91 14.57
C ARG A 104 -9.65 49.56 14.64
N LEU A 105 -10.06 48.71 15.58
CA LEU A 105 -9.36 47.48 15.91
C LEU A 105 -9.97 46.23 15.26
N THR A 106 -10.84 46.39 14.26
CA THR A 106 -11.57 45.23 13.75
C THR A 106 -10.85 44.51 12.60
N ARG A 107 -10.28 45.25 11.65
CA ARG A 107 -9.50 44.60 10.62
C ARG A 107 -8.12 44.23 11.17
N GLU A 108 -7.44 43.35 10.46
CA GLU A 108 -6.11 42.94 10.86
C GLU A 108 -5.09 43.40 9.82
N GLY A 109 -3.83 43.48 10.25
CA GLY A 109 -2.75 43.97 9.42
C GLY A 109 -1.91 44.98 10.18
N GLU A 110 -1.14 45.77 9.44
CA GLU A 110 -0.26 46.77 10.02
C GLU A 110 -0.72 48.14 9.54
N PHE A 111 -1.29 48.92 10.46
CA PHE A 111 -1.84 50.23 10.13
C PHE A 111 -0.98 51.30 10.78
N LEU A 112 -0.63 52.33 10.01
CA LEU A 112 0.32 53.35 10.43
C LEU A 112 -0.41 54.65 10.72
N PHE A 113 -0.09 55.27 11.85
CA PHE A 113 -0.71 56.51 12.26
C PHE A 113 0.36 57.58 12.46
N GLY A 114 0.05 58.80 12.05
CA GLY A 114 1.00 59.89 12.15
C GLY A 114 0.94 60.64 13.47
N LEU A 115 2.03 60.60 14.22
CA LEU A 115 2.17 61.34 15.46
C LEU A 115 2.34 62.83 15.13
N LYS A 116 1.40 63.65 15.60
CA LYS A 116 1.12 64.97 15.04
C LYS A 116 2.16 66.09 15.19
N PRO A 117 2.83 66.33 16.36
CA PRO A 117 3.83 67.43 16.34
C PRO A 117 5.12 67.09 15.61
N LYS A 118 5.12 67.36 14.30
CA LYS A 118 6.26 67.14 13.43
C LYS A 118 7.32 68.20 13.71
N THR A 119 8.53 67.76 14.05
CA THR A 119 9.59 68.71 14.39
C THR A 119 10.15 69.38 13.13
N GLN A 120 10.79 68.59 12.25
CA GLN A 120 11.39 69.08 11.02
C GLN A 120 11.12 68.03 9.94
N GLN A 121 9.94 68.13 9.32
CA GLN A 121 9.50 67.12 8.31
C GLN A 121 9.93 65.76 8.81
N VAL A 122 9.47 65.37 10.01
CA VAL A 122 9.96 64.12 10.53
C VAL A 122 8.88 63.05 10.60
N LEU A 123 7.62 63.49 10.74
CA LEU A 123 6.45 62.58 10.77
C LEU A 123 6.79 61.25 11.43
N HIS A 124 6.75 61.20 12.76
CA HIS A 124 6.98 59.91 13.37
C HIS A 124 5.70 59.09 13.35
N LYS A 125 5.83 57.79 13.20
CA LYS A 125 4.67 56.96 12.96
C LYS A 125 4.55 55.93 14.07
N LEU A 126 3.32 55.71 14.50
CA LEU A 126 2.97 54.60 15.37
C LEU A 126 2.35 53.50 14.50
N LEU A 127 2.89 52.29 14.64
CA LEU A 127 2.38 51.13 13.88
C LEU A 127 1.51 50.25 14.79
N VAL A 128 0.24 50.06 14.43
CA VAL A 128 -0.67 49.19 15.16
C VAL A 128 -0.76 47.90 14.37
N GLU A 129 -0.24 46.82 14.93
CA GLU A 129 -0.26 45.50 14.29
C GLU A 129 -1.36 44.67 14.93
N ILE A 130 -2.30 44.20 14.11
CA ILE A 130 -3.41 43.38 14.58
C ILE A 130 -3.29 42.02 13.91
N LYS A 131 -3.21 40.96 14.72
CA LYS A 131 -3.15 39.59 14.23
C LYS A 131 -4.27 38.80 14.87
N LEU A 132 -5.19 38.28 14.05
CA LEU A 132 -6.20 37.37 14.55
C LEU A 132 -5.55 36.00 14.72
N GLY A 133 -5.27 35.64 15.98
CA GLY A 133 -4.63 34.37 16.28
C GLY A 133 -5.58 33.20 16.19
N LYS A 134 -5.06 32.02 16.53
CA LYS A 134 -5.86 30.80 16.44
C LYS A 134 -6.89 30.70 17.56
N ASP A 135 -6.71 31.44 18.65
CA ASP A 135 -7.62 31.40 19.79
C ASP A 135 -8.88 32.29 19.62
N ASN A 136 -9.10 32.83 18.41
CA ASN A 136 -10.17 33.80 18.08
C ASN A 136 -10.06 35.04 18.99
N ILE A 137 -8.84 35.52 19.15
CA ILE A 137 -8.54 36.72 19.94
C ILE A 137 -7.60 37.58 19.10
N LYS A 138 -8.00 38.83 18.86
CA LYS A 138 -7.18 39.76 18.08
C LYS A 138 -6.08 40.32 18.98
N TYR A 139 -4.83 40.01 18.64
CA TYR A 139 -3.69 40.53 19.37
C TYR A 139 -3.24 41.84 18.73
N VAL A 140 -3.19 42.89 19.53
CA VAL A 140 -2.93 44.26 19.08
C VAL A 140 -1.61 44.72 19.68
N THR A 141 -0.65 45.07 18.83
CA THR A 141 0.66 45.53 19.24
C THR A 141 0.84 46.99 18.81
N LEU A 142 1.11 47.85 19.79
CA LEU A 142 1.45 49.24 19.54
C LEU A 142 2.97 49.34 19.51
N ARG A 143 3.54 49.74 18.38
CA ARG A 143 4.99 49.72 18.26
C ARG A 143 5.45 50.75 17.24
N SER A 144 6.76 50.86 17.08
CA SER A 144 7.39 51.60 16.00
C SER A 144 7.46 50.71 14.76
N PRO A 145 7.59 51.28 13.55
CA PRO A 145 7.62 50.44 12.34
C PRO A 145 8.87 49.58 12.11
N LEU A 146 9.90 49.79 12.94
CA LEU A 146 11.14 48.96 12.81
C LEU A 146 11.00 47.77 13.77
N LEU A 147 11.06 46.55 13.23
CA LEU A 147 10.94 45.34 14.04
C LEU A 147 12.20 44.50 13.92
N VAL A 148 12.62 43.87 15.02
CA VAL A 148 13.76 42.97 15.03
C VAL A 148 13.26 41.59 15.43
N GLU A 149 13.42 40.62 14.53
CA GLU A 149 12.88 39.28 14.69
C GLU A 149 13.99 38.33 15.14
N ASN A 150 13.81 37.73 16.32
CA ASN A 150 14.74 36.70 16.80
C ASN A 150 14.25 35.35 16.29
N ASP A 151 14.85 34.88 15.20
CA ASP A 151 14.59 33.54 14.68
C ASP A 151 15.69 32.57 15.05
N THR A 152 16.46 32.87 16.08
CA THR A 152 17.48 31.97 16.60
C THR A 152 16.90 31.19 17.79
N GLY A 153 17.71 30.28 18.32
CA GLY A 153 17.31 29.48 19.44
C GLY A 153 17.73 30.00 20.81
N ILE A 154 18.32 31.18 20.89
CA ILE A 154 18.79 31.73 22.15
C ILE A 154 18.18 33.11 22.36
N VAL A 155 18.27 33.59 23.59
CA VAL A 155 17.81 34.93 23.94
C VAL A 155 18.81 35.93 23.35
N VAL A 156 18.29 36.96 22.67
CA VAL A 156 19.10 37.97 22.01
C VAL A 156 18.81 39.32 22.65
N GLU A 157 19.84 40.04 23.07
CA GLU A 157 19.65 41.40 23.57
C GLU A 157 19.81 42.40 22.43
N LEU A 158 18.81 43.27 22.27
CA LEU A 158 18.81 44.35 21.30
C LEU A 158 19.03 45.67 22.04
N GLY A 159 20.04 46.41 21.61
CA GLY A 159 20.44 47.65 22.27
C GLY A 159 20.28 48.86 21.39
N VAL A 160 19.85 49.97 21.98
CA VAL A 160 19.65 51.22 21.27
C VAL A 160 20.88 52.09 21.48
N TYR A 161 21.57 52.39 20.39
CA TYR A 161 22.94 52.91 20.43
C TYR A 161 22.99 54.29 19.81
N ASP A 162 23.64 55.22 20.50
CA ASP A 162 23.99 56.53 19.96
C ASP A 162 25.43 56.42 19.48
N ALA A 163 25.60 56.27 18.17
CA ALA A 163 26.92 56.05 17.60
C ALA A 163 27.80 57.31 17.62
N HIS A 164 27.19 58.49 17.63
CA HIS A 164 27.98 59.72 17.72
C HIS A 164 28.48 59.94 19.14
N GLU A 165 27.70 59.51 20.14
CA GLU A 165 28.08 59.64 21.54
C GLU A 165 28.78 58.41 22.10
N GLY A 166 28.73 57.27 21.39
CA GLY A 166 29.24 56.03 21.92
C GLY A 166 28.48 55.50 23.11
N HIS A 167 27.19 55.82 23.18
CA HIS A 167 26.42 55.43 24.39
C HIS A 167 25.29 54.45 24.05
N LEU A 168 25.09 53.45 24.90
CA LEU A 168 23.95 52.50 24.70
C LEU A 168 22.76 52.99 25.52
N LEU A 169 21.79 53.61 24.85
CA LEU A 169 20.63 54.19 25.58
C LEU A 169 19.88 53.08 26.34
N LYS A 170 19.21 52.17 25.63
CA LYS A 170 18.40 51.13 26.31
C LYS A 170 18.75 49.75 25.75
N ILE A 171 18.37 48.69 26.47
CA ILE A 171 18.64 47.30 26.01
C ILE A 171 17.40 46.47 26.35
N GLU A 172 16.82 45.79 25.34
CA GLU A 172 15.60 44.95 25.57
C GLU A 172 15.94 43.51 25.21
N ARG A 173 15.34 42.54 25.91
CA ARG A 173 15.59 41.14 25.59
C ARG A 173 14.54 40.62 24.63
N ILE A 174 14.95 39.79 23.68
CA ILE A 174 14.05 39.12 22.75
C ILE A 174 14.23 37.62 22.95
N ASN A 175 13.13 36.94 23.26
CA ASN A 175 13.11 35.51 23.46
C ASN A 175 13.22 34.79 22.11
N PRO A 176 13.62 33.50 22.10
CA PRO A 176 13.64 32.73 20.85
C PRO A 176 12.25 32.59 20.23
N GLY A 177 12.17 32.91 18.94
CA GLY A 177 10.91 32.86 18.22
C GLY A 177 10.07 34.10 18.36
N GLU A 178 10.58 35.13 19.01
CA GLU A 178 9.84 36.36 19.26
C GLU A 178 10.51 37.53 18.56
N SER A 179 9.82 38.65 18.56
CA SER A 179 10.31 39.87 17.94
C SER A 179 10.09 41.03 18.90
N LYS A 180 10.96 42.03 18.80
CA LYS A 180 10.79 43.26 19.57
C LYS A 180 11.16 44.45 18.70
N PRO A 181 10.50 45.59 18.90
CA PRO A 181 10.79 46.75 18.05
C PRO A 181 11.78 47.69 18.69
N ALA A 182 12.31 48.60 17.87
CA ALA A 182 12.98 49.78 18.40
C ALA A 182 11.93 50.69 19.04
N PRO A 183 12.33 51.52 20.01
CA PRO A 183 11.39 52.48 20.61
C PRO A 183 10.88 53.50 19.60
N VAL A 184 9.67 53.99 19.85
CA VAL A 184 9.01 54.92 18.95
C VAL A 184 9.73 56.26 18.95
N GLY A 185 10.09 56.74 17.78
CA GLY A 185 10.85 57.97 17.66
C GLY A 185 12.33 57.70 17.55
N ALA A 186 12.84 56.87 18.47
CA ALA A 186 14.26 56.51 18.49
C ALA A 186 14.67 55.66 17.30
N ALA A 187 13.72 54.99 16.65
CA ALA A 187 14.00 54.21 15.45
C ALA A 187 14.43 55.09 14.28
N TYR A 188 14.03 56.37 14.28
CA TYR A 188 14.40 57.24 13.17
C TYR A 188 15.81 57.78 13.35
N PHE A 189 16.23 58.03 14.59
CA PHE A 189 17.49 58.73 14.86
C PHE A 189 18.61 57.82 15.34
N LYS A 190 18.32 56.88 16.23
CA LYS A 190 19.34 56.07 16.88
C LYS A 190 19.61 54.80 16.08
N SER A 191 20.78 54.21 16.31
CA SER A 191 21.15 52.96 15.67
C SER A 191 20.85 51.79 16.59
N LEU A 192 21.02 50.58 16.06
CA LEU A 192 20.76 49.36 16.82
C LEU A 192 22.00 48.48 16.89
N LEU A 193 22.10 47.72 17.98
CA LEU A 193 23.13 46.72 18.17
C LEU A 193 22.47 45.45 18.65
N VAL A 194 23.04 44.29 18.32
CA VAL A 194 22.55 43.03 18.87
C VAL A 194 23.71 42.29 19.53
N ARG A 195 23.37 41.48 20.52
CA ARG A 195 24.31 40.57 21.14
C ARG A 195 23.54 39.34 21.59
N PRO A 196 24.23 38.21 21.83
CA PRO A 196 23.56 37.11 22.54
C PRO A 196 23.32 37.39 24.02
N ASP A 197 22.80 36.38 24.73
CA ASP A 197 22.58 36.45 26.16
C ASP A 197 23.91 36.68 26.86
N PRO A 198 24.01 37.63 27.81
CA PRO A 198 25.28 37.93 28.48
C PRO A 198 26.00 36.66 28.95
N GLY A 199 25.25 35.70 29.51
CA GLY A 199 25.92 34.52 30.04
C GLY A 199 26.84 33.84 29.06
N PHE A 200 26.66 34.06 27.76
CA PHE A 200 27.52 33.45 26.74
C PHE A 200 28.84 34.19 26.55
N LYS A 201 29.03 35.32 27.23
CA LYS A 201 30.27 36.11 27.25
C LYS A 201 30.67 36.62 25.86
N TYR A 202 29.68 36.88 25.00
CA TYR A 202 29.90 37.45 23.69
C TYR A 202 29.48 38.91 23.70
N GLY A 203 30.29 39.77 23.09
CA GLY A 203 30.04 41.19 23.11
C GLY A 203 28.99 41.61 22.10
N TRP A 204 28.79 42.92 22.02
CA TRP A 204 27.87 43.51 21.05
C TRP A 204 28.44 43.39 19.64
N SER A 205 27.56 43.61 18.66
CA SER A 205 27.95 43.52 17.26
C SER A 205 28.87 44.67 16.88
N SER A 206 29.94 44.34 16.15
CA SER A 206 31.02 45.28 15.88
C SER A 206 30.59 46.42 14.95
N ASP A 207 29.57 46.18 14.14
CA ASP A 207 28.92 47.23 13.38
C ASP A 207 27.51 47.44 13.91
N THR A 208 26.91 48.55 13.50
CA THR A 208 25.58 48.92 13.95
C THR A 208 24.52 48.47 12.95
N LEU A 209 23.27 48.53 13.39
CA LEU A 209 22.12 48.17 12.57
C LEU A 209 21.38 49.48 12.31
N TRP A 210 21.76 50.15 11.22
CA TRP A 210 21.22 51.45 10.84
C TRP A 210 20.36 51.28 9.60
N TRP A 211 19.10 51.71 9.69
CA TRP A 211 18.10 51.46 8.66
C TRP A 211 18.40 52.19 7.35
N ARG A 212 19.06 53.35 7.41
CA ARG A 212 19.45 54.02 6.18
C ARG A 212 20.61 53.30 5.50
N ASP A 213 21.42 52.56 6.26
CA ASP A 213 22.41 51.67 5.66
C ASP A 213 21.76 50.38 5.17
N LEU A 214 20.73 49.90 5.87
CA LEU A 214 20.05 48.68 5.49
C LEU A 214 19.15 48.87 4.27
N LEU A 215 18.80 50.11 3.94
CA LEU A 215 18.06 50.37 2.71
C LEU A 215 18.91 50.07 1.47
N LYS A 216 20.22 50.27 1.56
CA LYS A 216 21.14 49.96 0.48
C LYS A 216 21.80 48.60 0.62
N ARG A 217 22.00 48.12 1.85
CA ARG A 217 22.64 46.83 2.10
C ARG A 217 21.84 46.14 3.20
N PRO A 218 20.81 45.38 2.83
CA PRO A 218 19.92 44.78 3.85
C PRO A 218 20.47 43.51 4.49
N THR A 219 21.46 42.87 3.87
CA THR A 219 21.95 41.56 4.29
C THR A 219 23.34 41.74 4.89
N LYS A 220 23.54 41.22 6.10
CA LYS A 220 24.79 41.46 6.79
C LYS A 220 25.06 40.37 7.81
N THR A 221 26.30 39.90 7.87
CA THR A 221 26.73 39.02 8.94
C THR A 221 27.12 39.87 10.15
N LEU A 222 26.52 39.57 11.30
CA LEU A 222 26.80 40.29 12.53
C LEU A 222 27.85 39.53 13.35
N VAL A 223 29.00 40.16 13.54
CA VAL A 223 30.14 39.56 14.22
C VAL A 223 30.16 40.01 15.68
N CYS A 224 30.30 39.06 16.60
CA CYS A 224 30.37 39.34 18.04
C CYS A 224 31.60 38.65 18.61
N LYS A 225 32.56 39.45 19.07
CA LYS A 225 33.79 38.89 19.63
C LYS A 225 33.53 38.33 21.02
N SER A 226 34.36 37.37 21.42
CA SER A 226 34.23 36.75 22.73
C SER A 226 35.08 37.48 23.76
N GLU A 227 34.60 37.49 25.00
CA GLU A 227 35.31 38.10 26.12
C GLU A 227 36.26 37.12 26.80
N GLN A 228 36.32 35.88 26.31
CA GLN A 228 37.20 34.85 26.92
C GLN A 228 38.14 34.36 25.81
N TYR A 229 37.72 34.42 24.55
CA TYR A 229 38.69 33.99 23.49
C TYR A 229 38.66 34.94 22.29
N GLY A 230 39.82 35.45 21.91
CA GLY A 230 39.90 36.34 20.73
C GLY A 230 39.48 35.62 19.46
N GLY A 231 39.89 34.35 19.32
CA GLY A 231 39.47 33.55 18.15
C GLY A 231 37.98 33.29 18.16
N GLU A 232 37.45 32.92 19.32
CA GLU A 232 36.00 32.64 19.46
C GLU A 232 35.21 33.84 18.95
N VAL A 233 34.30 33.62 17.99
CA VAL A 233 33.47 34.74 17.44
C VAL A 233 32.06 34.25 17.11
N PHE A 234 31.05 34.74 17.83
CA PHE A 234 29.66 34.41 17.55
C PHE A 234 29.22 35.13 16.28
N TYR A 235 28.41 34.45 15.47
CA TYR A 235 27.91 35.00 14.22
C TYR A 235 26.39 34.98 14.22
N PHE A 236 25.78 36.13 14.02
CA PHE A 236 24.39 36.24 13.60
C PHE A 236 24.37 36.47 12.09
N ARG A 237 23.24 36.17 11.45
CA ARG A 237 23.03 36.72 10.11
C ARG A 237 21.72 37.48 10.09
N LEU A 238 21.80 38.74 9.66
CA LEU A 238 20.68 39.65 9.63
C LEU A 238 20.24 39.84 8.19
N HIS A 239 18.94 39.72 7.94
CA HIS A 239 18.34 40.17 6.69
C HIS A 239 17.25 41.18 7.01
N ALA A 240 17.23 42.28 6.28
CA ALA A 240 16.18 43.29 6.42
C ALA A 240 15.25 43.21 5.21
N ARG A 241 13.95 43.29 5.47
CA ARG A 241 12.95 43.18 4.42
C ARG A 241 11.86 44.22 4.64
N TRP A 242 11.26 44.65 3.52
CA TRP A 242 10.20 45.63 3.53
C TRP A 242 9.44 45.51 2.22
N ASP A 243 8.34 46.25 2.11
CA ASP A 243 7.62 46.36 0.86
C ASP A 243 8.27 47.43 0.00
N GLN A 244 8.65 47.06 -1.21
CA GLN A 244 9.28 47.99 -2.15
C GLN A 244 8.28 48.90 -2.84
N ALA A 245 6.97 48.70 -2.63
CA ALA A 245 5.97 49.59 -3.19
C ALA A 245 5.59 50.73 -2.25
N ASN A 246 5.76 50.54 -0.96
CA ASN A 246 5.43 51.59 0.01
C ASN A 246 6.57 52.61 0.03
N PRO A 247 6.31 53.88 -0.31
CA PRO A 247 7.40 54.86 -0.35
C PRO A 247 7.87 55.34 1.03
N LEU A 248 7.10 55.08 2.09
CA LEU A 248 7.45 55.50 3.45
C LEU A 248 8.73 54.84 3.95
N THR A 249 9.08 53.66 3.42
CA THR A 249 10.34 53.02 3.77
C THR A 249 11.57 53.76 3.23
N ARG A 250 11.39 54.68 2.28
CA ARG A 250 12.50 55.53 1.89
C ARG A 250 12.66 56.74 2.81
N ASN A 251 11.69 56.98 3.69
CA ASN A 251 11.69 58.14 4.57
C ASN A 251 11.56 57.79 6.04
N TYR A 252 11.25 56.54 6.38
CA TYR A 252 11.05 56.10 7.75
C TYR A 252 11.43 54.63 7.82
N PRO A 253 11.94 54.15 8.95
CA PRO A 253 12.28 52.72 9.05
C PRO A 253 11.08 51.78 9.18
N TYR A 254 10.40 51.51 8.07
CA TYR A 254 9.32 50.53 8.03
C TYR A 254 9.90 49.23 7.47
N MET A 255 10.63 48.52 8.34
CA MET A 255 11.31 47.28 7.99
C MET A 255 11.03 46.22 9.03
N ARG A 256 11.35 44.99 8.65
CA ARG A 256 11.54 43.89 9.60
C ARG A 256 12.98 43.41 9.46
N LEU A 257 13.61 43.13 10.60
CA LEU A 257 15.03 42.78 10.67
C LEU A 257 15.14 41.38 11.28
N LYS A 258 15.23 40.35 10.44
CA LYS A 258 15.23 38.98 10.94
C LYS A 258 16.66 38.52 11.21
N LEU A 259 16.89 38.02 12.42
CA LEU A 259 18.16 37.46 12.85
C LEU A 259 18.06 35.93 12.82
N THR A 260 18.98 35.30 12.10
CA THR A 260 19.01 33.84 12.03
C THR A 260 20.39 33.29 12.33
N ALA A 261 20.42 31.99 12.60
CA ALA A 261 21.67 31.27 12.61
C ALA A 261 22.14 31.05 11.17
N PRO A 262 23.43 31.21 10.89
CA PRO A 262 23.91 31.04 9.50
C PRO A 262 23.84 29.61 9.02
N LEU A 263 23.91 28.64 9.93
CA LEU A 263 23.90 27.22 9.58
C LEU A 263 22.98 26.48 10.53
N THR A 264 22.20 25.55 9.99
CA THR A 264 21.44 24.60 10.79
C THR A 264 21.71 23.21 10.23
N ILE A 265 21.99 22.25 11.12
CA ILE A 265 22.28 20.88 10.72
C ILE A 265 21.16 19.99 11.25
N GLU A 266 20.51 19.26 10.35
CA GLU A 266 19.44 18.33 10.68
C GLU A 266 19.92 16.91 10.41
N ASN A 267 19.56 15.98 11.31
CA ASN A 267 19.92 14.57 11.20
C ASN A 267 18.66 13.75 10.95
N LEU A 268 18.49 13.27 9.73
CA LEU A 268 17.36 12.41 9.40
C LEU A 268 17.79 10.96 9.16
N LEU A 269 18.98 10.59 9.60
CA LEU A 269 19.40 9.20 9.63
C LEU A 269 18.65 8.46 10.73
N PRO A 270 18.56 7.10 10.66
CA PRO A 270 18.01 6.34 11.81
C PRO A 270 19.03 6.04 12.90
N TYR A 271 20.13 6.80 12.94
CA TYR A 271 21.17 6.67 13.94
C TYR A 271 21.65 8.06 14.31
N ASP A 272 22.27 8.18 15.49
CA ASP A 272 22.87 9.45 15.89
C ASP A 272 24.26 9.57 15.27
N PHE A 273 24.76 10.82 15.16
CA PHE A 273 26.15 10.98 14.81
C PHE A 273 26.82 12.09 15.63
N LYS A 274 28.14 12.00 15.70
CA LYS A 274 28.99 13.08 16.18
C LYS A 274 29.53 13.82 14.96
N TYR A 275 29.31 15.13 14.89
CA TYR A 275 29.73 15.91 13.73
C TYR A 275 30.87 16.86 14.08
N LYS A 276 31.64 17.18 13.03
CA LYS A 276 32.86 17.98 13.08
C LYS A 276 32.79 18.99 11.95
N ILE A 277 32.72 20.27 12.30
CA ILE A 277 32.68 21.37 11.32
C ILE A 277 34.08 21.96 11.23
N TYR A 278 34.60 22.04 10.01
CA TYR A 278 35.93 22.61 9.77
C TYR A 278 35.79 23.88 8.92
N ASP A 279 36.31 24.99 9.44
CA ASP A 279 36.45 26.21 8.65
C ASP A 279 37.79 26.18 7.94
N ARG A 280 37.78 26.33 6.62
CA ARG A 280 39.03 26.36 5.86
C ARG A 280 39.80 27.64 6.12
N VAL A 281 39.09 28.75 6.33
CA VAL A 281 39.71 30.02 6.70
C VAL A 281 39.87 30.06 8.21
N ASN A 282 41.13 30.32 8.65
CA ASN A 282 41.66 30.39 10.02
C ASN A 282 41.71 29.05 10.75
N LYS A 283 41.18 27.98 10.12
CA LYS A 283 41.47 26.58 10.44
C LYS A 283 40.98 26.15 11.83
N GLN A 284 39.71 26.43 12.14
CA GLN A 284 39.13 25.93 13.37
C GLN A 284 38.23 24.74 13.08
N GLU A 285 38.10 23.87 14.07
CA GLU A 285 37.19 22.73 14.00
C GLU A 285 36.35 22.71 15.26
N TRP A 286 35.04 22.54 15.10
CA TRP A 286 34.08 22.47 16.20
C TRP A 286 33.39 21.12 16.19
N ASN A 287 33.33 20.48 17.36
CA ASN A 287 32.79 19.14 17.53
C ASN A 287 31.50 19.19 18.34
N ASN A 288 30.47 18.43 17.91
CA ASN A 288 29.24 18.32 18.68
C ASN A 288 28.54 17.00 18.34
N PHE A 289 27.40 16.78 18.98
CA PHE A 289 26.60 15.56 18.88
C PHE A 289 25.22 15.89 18.35
N LEU A 290 24.61 14.95 17.63
CA LEU A 290 23.29 15.19 17.06
C LEU A 290 22.54 13.87 16.96
N ARG A 291 21.40 13.80 17.64
CA ARG A 291 20.52 12.65 17.72
C ARG A 291 19.74 12.47 16.42
N LYS A 292 19.12 11.30 16.28
CA LYS A 292 18.27 11.03 15.13
C LYS A 292 16.98 11.85 15.22
N GLY A 293 16.63 12.52 14.12
CA GLY A 293 15.47 13.38 14.09
C GLY A 293 15.74 14.80 14.54
N GLY A 294 16.91 15.06 15.13
CA GLY A 294 17.18 16.35 15.72
C GLY A 294 17.76 17.35 14.74
N SER A 295 17.75 18.61 15.18
CA SER A 295 18.25 19.72 14.40
C SER A 295 18.95 20.67 15.37
N ILE A 296 20.09 21.20 14.95
CA ILE A 296 20.88 22.08 15.81
C ILE A 296 21.34 23.30 15.02
N PRO A 297 21.26 24.51 15.58
CA PRO A 297 21.85 25.67 14.91
C PRO A 297 23.32 25.86 15.29
N VAL A 298 24.07 26.37 14.32
CA VAL A 298 25.50 26.65 14.47
C VAL A 298 25.72 28.14 14.29
N HIS A 299 26.42 28.75 15.23
CA HIS A 299 26.77 30.17 15.17
C HIS A 299 28.28 30.38 15.15
N MET A 300 29.05 29.39 14.73
CA MET A 300 30.50 29.47 14.78
C MET A 300 31.15 29.67 13.43
N VAL A 301 30.38 29.67 12.34
CA VAL A 301 30.92 29.85 11.00
C VAL A 301 30.29 31.06 10.33
N ASP A 302 31.10 31.73 9.50
CA ASP A 302 30.64 32.82 8.64
C ASP A 302 30.44 32.26 7.23
N LEU A 303 29.41 32.76 6.55
CA LEU A 303 29.06 32.29 5.21
C LEU A 303 29.96 32.87 4.12
N SER A 304 30.89 33.76 4.47
CA SER A 304 31.92 34.17 3.52
C SER A 304 33.09 33.19 3.47
N HIS A 305 33.13 32.22 4.37
CA HIS A 305 34.19 31.22 4.43
C HIS A 305 33.68 29.88 3.92
N THR A 306 34.59 29.12 3.32
CA THR A 306 34.30 27.74 2.92
C THR A 306 34.41 26.85 4.15
N PHE A 307 33.31 26.19 4.52
CA PHE A 307 33.37 25.26 5.63
C PHE A 307 32.76 23.91 5.27
N LEU A 308 33.23 22.89 6.01
CA LEU A 308 33.05 21.49 5.68
C LEU A 308 32.43 20.76 6.85
N LEU A 309 31.68 19.70 6.53
CA LEU A 309 31.05 18.82 7.51
C LEU A 309 31.66 17.42 7.43
N GLY A 310 31.96 16.85 8.59
CA GLY A 310 32.27 15.43 8.67
C GLY A 310 31.46 14.79 9.78
N ILE A 311 30.85 13.64 9.52
CA ILE A 311 30.08 12.94 10.54
C ILE A 311 30.77 11.65 10.90
N GLU A 312 30.47 11.17 12.10
CA GLU A 312 30.86 9.83 12.55
C GLU A 312 29.61 9.24 13.20
N MET A 313 28.97 8.33 12.49
CA MET A 313 27.75 7.70 12.98
C MET A 313 28.06 6.76 14.13
N GLN A 314 27.33 6.92 15.23
CA GLN A 314 27.42 6.00 16.36
C GLN A 314 26.67 4.68 16.21
N ASP A 315 27.00 3.68 17.03
CA ASP A 315 26.29 2.36 16.96
C ASP A 315 25.90 1.92 15.49
N THR A 316 26.94 1.80 14.65
CA THR A 316 26.74 1.41 13.23
C THR A 316 28.10 0.95 12.71
N PRO A 317 28.18 -0.08 11.85
CA PRO A 317 29.48 -0.60 11.40
C PRO A 317 30.19 0.33 10.41
N PHE A 318 30.13 1.64 10.63
CA PHE A 318 30.74 2.54 9.65
C PHE A 318 31.82 3.36 10.33
N GLN A 319 32.77 3.84 9.52
CA GLN A 319 33.84 4.68 10.02
C GLN A 319 33.39 6.13 10.03
N ALA A 320 34.30 7.00 10.46
CA ALA A 320 34.06 8.44 10.34
C ALA A 320 34.15 8.84 8.87
N SER A 321 33.27 9.73 8.47
CA SER A 321 33.23 10.18 7.09
C SER A 321 34.41 11.10 6.78
N GLU A 322 34.72 11.23 5.50
CA GLU A 322 35.59 12.30 5.08
C GLU A 322 34.82 13.62 5.10
N PHE A 323 35.56 14.72 5.05
CA PHE A 323 34.95 16.03 5.01
C PHE A 323 34.32 16.27 3.63
N VAL A 324 33.11 16.83 3.62
CA VAL A 324 32.45 17.25 2.40
C VAL A 324 32.16 18.74 2.48
N VAL A 325 32.19 19.41 1.33
CA VAL A 325 32.02 20.87 1.28
C VAL A 325 30.54 21.18 1.43
N ILE A 326 30.14 21.73 2.57
CA ILE A 326 28.76 22.14 2.76
C ILE A 326 28.54 23.63 2.56
N ASN A 327 29.61 24.44 2.52
CA ASN A 327 29.46 25.83 2.09
C ASN A 327 30.75 26.32 1.46
N THR A 328 30.62 26.93 0.28
CA THR A 328 31.75 27.57 -0.37
C THR A 328 31.89 29.01 0.12
N GLY A 329 33.08 29.58 -0.10
CA GLY A 329 33.36 30.95 0.27
C GLY A 329 33.18 31.91 -0.89
N ASN A 330 33.36 33.20 -0.59
CA ASN A 330 33.31 34.22 -1.64
C ASN A 330 34.53 34.14 -2.55
N ALA A 331 35.67 33.68 -2.02
CA ALA A 331 36.88 33.54 -2.81
C ALA A 331 36.97 32.18 -3.49
N ASP A 332 36.53 31.13 -2.82
CA ASP A 332 36.57 29.79 -3.38
C ASP A 332 35.45 29.58 -4.40
N ASP A 333 35.65 28.58 -5.27
CA ASP A 333 34.66 28.21 -6.28
C ASP A 333 34.35 26.72 -6.25
N PHE A 334 34.39 26.12 -5.06
CA PHE A 334 34.00 24.72 -4.91
C PHE A 334 32.49 24.59 -5.05
N LYS A 335 32.05 23.62 -5.86
CA LYS A 335 30.66 23.22 -5.82
C LYS A 335 30.40 22.48 -4.51
N LYS A 336 29.31 22.84 -3.83
CA LYS A 336 29.00 22.19 -2.56
C LYS A 336 28.53 20.77 -2.80
N ASP A 337 28.86 19.90 -1.84
CA ASP A 337 28.68 18.46 -2.03
C ASP A 337 27.22 18.07 -1.86
N SER A 338 26.70 17.32 -2.83
CA SER A 338 25.37 16.77 -2.76
C SER A 338 25.32 15.41 -2.08
N HIS A 339 26.47 14.77 -1.88
CA HIS A 339 26.55 13.45 -1.27
C HIS A 339 27.61 13.43 -0.19
N LEU A 340 27.53 12.39 0.65
CA LEU A 340 28.43 12.21 1.79
C LEU A 340 28.73 10.71 1.88
N VAL A 341 29.99 10.35 1.73
CA VAL A 341 30.39 8.95 1.70
C VAL A 341 30.80 8.51 3.11
N VAL A 342 30.23 7.40 3.57
CA VAL A 342 30.71 6.70 4.76
C VAL A 342 31.10 5.28 4.37
N LYS A 343 32.30 4.86 4.76
CA LYS A 343 32.79 3.53 4.46
C LYS A 343 32.69 2.67 5.71
N ASP A 344 32.33 1.40 5.55
CA ASP A 344 32.20 0.53 6.71
C ASP A 344 33.57 0.02 7.14
N ASN A 345 33.58 -0.91 8.10
CA ASN A 345 34.83 -1.49 8.56
C ASN A 345 35.41 -2.47 7.55
N ALA A 346 34.59 -2.94 6.60
CA ALA A 346 35.07 -3.76 5.48
C ALA A 346 35.53 -2.93 4.29
N GLY A 347 35.07 -1.70 4.15
CA GLY A 347 35.48 -0.84 3.06
C GLY A 347 34.39 -0.48 2.07
N MET A 348 33.18 -1.06 2.15
CA MET A 348 32.12 -0.77 1.20
C MET A 348 31.51 0.61 1.47
N PRO A 349 31.21 1.39 0.43
CA PRO A 349 30.70 2.74 0.64
C PRO A 349 29.19 2.83 0.72
N LEU A 350 28.74 3.83 1.47
CA LEU A 350 27.34 4.22 1.58
C LEU A 350 27.25 5.70 1.24
N ASN A 351 26.36 6.02 0.31
CA ASN A 351 26.25 7.35 -0.27
C ASN A 351 25.05 8.05 0.35
N LEU A 352 25.28 8.70 1.50
CA LEU A 352 24.25 9.53 2.10
C LEU A 352 24.07 10.80 1.27
N ARG A 353 22.91 11.42 1.39
CA ARG A 353 22.60 12.61 0.62
C ARG A 353 22.42 13.83 1.52
N LEU A 354 22.78 14.99 0.98
CA LEU A 354 22.71 16.26 1.69
C LEU A 354 21.67 17.13 1.01
N HIS A 355 20.62 17.49 1.75
CA HIS A 355 19.58 18.39 1.26
C HIS A 355 19.80 19.79 1.83
N TYR A 356 19.80 20.78 0.95
CA TYR A 356 19.98 22.18 1.35
C TYR A 356 18.65 22.90 1.23
N PHE A 357 18.31 23.66 2.28
CA PHE A 357 17.07 24.43 2.30
C PHE A 357 17.39 25.84 2.78
N ARG A 358 17.22 26.82 1.91
CA ARG A 358 17.44 28.20 2.29
C ARG A 358 16.30 28.68 3.18
N ILE A 359 16.65 29.20 4.36
CA ILE A 359 15.71 29.79 5.31
C ILE A 359 15.05 31.00 4.64
N PRO A 360 13.73 30.99 4.47
CA PRO A 360 13.06 32.10 3.77
C PRO A 360 13.10 33.37 4.59
N ASP A 361 13.29 34.51 3.89
CA ASP A 361 13.56 35.84 4.44
C ASP A 361 14.79 35.85 5.35
N GLY A 362 15.78 35.00 5.07
CA GLY A 362 16.93 34.87 5.94
C GLY A 362 18.19 35.52 5.40
N GLY A 363 18.19 35.89 4.13
CA GLY A 363 19.35 36.53 3.52
C GLY A 363 20.55 35.62 3.33
N GLY A 364 20.31 34.36 2.99
CA GLY A 364 21.40 33.44 2.67
C GLY A 364 21.71 32.42 3.74
N SER A 365 21.04 32.47 4.89
CA SER A 365 21.23 31.45 5.91
C SER A 365 20.45 30.19 5.52
N PHE A 366 21.03 29.02 5.78
CA PHE A 366 20.49 27.78 5.23
C PHE A 366 20.53 26.66 6.26
N LYS A 367 19.77 25.61 5.96
CA LYS A 367 19.79 24.35 6.70
C LYS A 367 20.35 23.25 5.79
N VAL A 368 21.27 22.46 6.34
CA VAL A 368 21.77 21.26 5.67
C VAL A 368 21.22 20.03 6.41
N THR A 369 20.81 19.03 5.64
CA THR A 369 20.18 17.84 6.21
C THR A 369 20.86 16.60 5.64
N VAL A 370 21.46 15.81 6.53
CA VAL A 370 22.08 14.55 6.16
C VAL A 370 21.02 13.46 6.26
N TYR A 371 20.80 12.72 5.17
CA TYR A 371 19.82 11.65 5.23
C TYR A 371 20.28 10.45 4.41
N SER A 372 19.73 9.29 4.75
CA SER A 372 19.98 8.16 3.89
C SER A 372 18.88 8.08 2.84
N PRO A 373 19.23 7.79 1.59
CA PRO A 373 18.19 7.73 0.55
C PRO A 373 17.29 6.52 0.68
N TYR A 374 17.81 5.39 1.17
CA TYR A 374 16.98 4.25 1.44
C TYR A 374 17.21 3.78 2.87
N VAL A 375 16.13 3.37 3.54
CA VAL A 375 16.21 2.70 4.84
C VAL A 375 15.43 1.40 4.73
N ILE A 376 16.13 0.28 4.86
CA ILE A 376 15.54 -1.04 4.74
C ILE A 376 15.30 -1.59 6.14
N LEU A 377 14.04 -1.95 6.42
CA LEU A 377 13.65 -2.53 7.69
C LEU A 377 13.46 -4.02 7.50
N ASN A 378 14.34 -4.81 8.12
CA ASN A 378 14.26 -6.28 8.09
C ASN A 378 13.27 -6.71 9.17
N LYS A 379 12.03 -6.96 8.77
CA LYS A 379 11.02 -7.48 9.69
C LYS A 379 10.60 -8.90 9.33
N THR A 380 11.47 -9.66 8.66
CA THR A 380 11.08 -11.02 8.26
C THR A 380 11.25 -12.01 9.40
N GLY A 381 12.13 -11.73 10.34
CA GLY A 381 12.54 -12.69 11.34
C GLY A 381 13.76 -13.50 10.94
N LEU A 382 13.95 -13.74 9.64
CA LEU A 382 15.15 -14.37 9.11
C LEU A 382 16.18 -13.29 8.79
N ASP A 383 17.46 -13.67 8.88
CA ASP A 383 18.52 -12.73 8.56
C ASP A 383 18.58 -12.56 7.04
N VAL A 384 18.64 -11.31 6.59
CA VAL A 384 18.45 -10.96 5.19
C VAL A 384 19.70 -10.25 4.68
N SER A 385 20.22 -10.71 3.54
CA SER A 385 21.30 -10.04 2.83
C SER A 385 20.76 -9.27 1.64
N VAL A 386 21.28 -8.05 1.43
CA VAL A 386 20.84 -7.14 0.38
C VAL A 386 22.02 -6.86 -0.52
N ARG A 387 21.82 -7.00 -1.84
CA ARG A 387 22.83 -6.65 -2.84
C ARG A 387 22.29 -5.57 -3.75
N SER A 388 23.19 -4.78 -4.33
CA SER A 388 22.83 -3.70 -5.24
C SER A 388 23.43 -3.98 -6.60
N LYS A 389 22.60 -3.95 -7.64
CA LYS A 389 23.04 -4.20 -9.01
C LYS A 389 22.65 -3.01 -9.88
N GLY A 390 23.61 -2.53 -10.65
CA GLY A 390 23.38 -1.42 -11.55
C GLY A 390 22.73 -1.84 -12.85
N PHE A 391 22.70 -0.91 -13.80
CA PHE A 391 22.19 -1.19 -15.13
C PHE A 391 23.18 -2.07 -15.89
N MET A 392 24.32 -1.48 -16.27
CA MET A 392 25.40 -2.25 -16.87
C MET A 392 26.42 -2.74 -15.84
N GLN A 393 26.35 -2.24 -14.60
CA GLN A 393 27.28 -2.64 -13.56
C GLN A 393 26.93 -4.03 -13.02
N SER A 394 27.85 -4.57 -12.23
CA SER A 394 27.65 -5.87 -11.60
C SER A 394 26.99 -5.70 -10.23
N ALA A 395 26.67 -6.84 -9.61
CA ALA A 395 26.00 -6.84 -8.32
C ALA A 395 27.03 -6.87 -7.19
N ARG A 396 26.92 -5.91 -6.28
CA ARG A 396 27.82 -5.78 -5.15
C ARG A 396 27.02 -5.81 -3.86
N ALA A 397 27.69 -6.19 -2.77
CA ALA A 397 27.05 -6.29 -1.47
C ALA A 397 26.81 -4.90 -0.89
N ALA A 398 25.75 -4.78 -0.09
CA ALA A 398 25.45 -3.52 0.55
C ALA A 398 26.37 -3.28 1.73
N ALA A 399 26.56 -2.01 2.08
CA ALA A 399 27.52 -1.63 3.10
C ALA A 399 26.87 -1.72 4.48
N GLY A 400 27.66 -2.15 5.46
CA GLY A 400 27.22 -2.16 6.85
C GLY A 400 26.15 -3.19 7.17
N GLN A 401 26.16 -4.32 6.50
CA GLN A 401 25.14 -5.34 6.73
C GLN A 401 25.51 -6.13 7.98
N THR A 402 24.57 -6.17 8.93
CA THR A 402 24.74 -6.87 10.20
C THR A 402 23.85 -8.10 10.24
N LEU A 403 23.89 -8.81 11.36
CA LEU A 403 23.09 -10.01 11.58
C LEU A 403 22.09 -9.77 12.71
N ILE A 404 20.92 -10.37 12.58
CA ILE A 404 19.87 -10.21 13.57
C ILE A 404 20.12 -11.14 14.76
N LYS A 413 15.18 -7.15 16.84
CA LYS A 413 16.55 -7.65 16.87
C LYS A 413 17.33 -7.22 15.63
N ALA A 414 16.62 -6.64 14.67
CA ALA A 414 17.21 -6.23 13.40
C ALA A 414 17.37 -4.71 13.37
N ARG A 415 18.61 -4.26 13.22
CA ARG A 415 18.88 -2.84 13.07
C ARG A 415 18.42 -2.38 11.68
N PRO A 416 17.94 -1.15 11.55
CA PRO A 416 17.60 -0.62 10.22
C PRO A 416 18.85 -0.39 9.38
N LEU A 417 18.75 -0.74 8.10
CA LEU A 417 19.90 -0.79 7.22
C LEU A 417 19.84 0.41 6.28
N MET A 418 20.80 1.32 6.42
CA MET A 418 20.90 2.41 5.46
C MET A 418 21.41 1.88 4.13
N PHE A 419 20.81 2.37 3.04
CA PHE A 419 21.07 1.77 1.73
C PHE A 419 21.10 2.85 0.66
N SER A 420 22.11 2.77 -0.19
CA SER A 420 22.27 3.64 -1.35
C SER A 420 22.80 2.81 -2.51
N PHE A 421 22.59 3.32 -3.72
CA PHE A 421 23.21 2.75 -4.90
C PHE A 421 24.53 3.45 -5.17
N HIS A 422 25.30 2.89 -6.10
CA HIS A 422 26.59 3.49 -6.45
C HIS A 422 26.44 4.72 -7.33
N ASN A 423 25.30 4.90 -8.00
CA ASN A 423 25.00 6.13 -8.71
C ASN A 423 23.48 6.32 -8.73
N ASP A 424 23.04 7.40 -9.35
CA ASP A 424 21.62 7.80 -9.31
C ASP A 424 20.91 7.46 -10.62
N ASP A 425 20.95 6.19 -11.00
CA ASP A 425 20.23 5.72 -12.17
C ASP A 425 18.88 5.17 -11.73
N HIS A 426 17.87 5.36 -12.57
CA HIS A 426 16.56 4.76 -12.31
C HIS A 426 16.53 3.29 -12.65
N ARG A 427 17.50 2.79 -13.42
CA ARG A 427 17.59 1.39 -13.80
C ARG A 427 18.29 0.54 -12.74
N ASN A 428 18.77 1.14 -11.66
CA ASN A 428 19.44 0.39 -10.61
C ASN A 428 18.42 -0.42 -9.82
N ARG A 429 18.79 -1.64 -9.46
CA ARG A 429 17.91 -2.56 -8.76
C ARG A 429 18.64 -3.17 -7.57
N ALA A 430 17.90 -3.88 -6.75
CA ALA A 430 18.45 -4.57 -5.59
C ALA A 430 17.99 -6.01 -5.57
N LEU A 431 18.78 -6.85 -4.92
CA LEU A 431 18.51 -8.28 -4.77
C LEU A 431 18.45 -8.62 -3.30
N LEU A 432 17.55 -9.54 -2.93
CA LEU A 432 17.34 -9.93 -1.55
C LEU A 432 17.62 -11.42 -1.38
N LYS A 433 18.07 -11.78 -0.18
CA LYS A 433 18.32 -13.17 0.19
C LYS A 433 17.87 -13.35 1.63
N ALA A 434 17.01 -14.34 1.88
CA ALA A 434 16.47 -14.60 3.21
C ALA A 434 16.86 -16.00 3.66
N GLY A 435 17.78 -16.08 4.62
CA GLY A 435 18.20 -17.38 5.12
C GLY A 435 19.05 -18.11 4.11
N ASP A 436 18.80 -19.41 3.98
CA ASP A 436 19.43 -20.22 2.93
C ASP A 436 18.49 -20.35 1.73
N SER A 437 18.18 -19.20 1.13
CA SER A 437 17.39 -19.13 -0.08
C SER A 437 18.26 -18.63 -1.23
N GLU A 438 17.74 -18.77 -2.44
CA GLU A 438 18.40 -18.20 -3.59
C GLU A 438 18.21 -16.70 -3.61
N TRP A 439 19.02 -16.04 -4.43
CA TRP A 439 18.89 -14.59 -4.57
C TRP A 439 17.67 -14.25 -5.40
N SER A 440 17.09 -13.09 -5.12
CA SER A 440 15.81 -12.69 -5.66
C SER A 440 15.94 -12.24 -7.11
N LYS A 441 14.79 -12.00 -7.73
CA LYS A 441 14.72 -11.22 -8.94
C LYS A 441 15.11 -9.77 -8.63
N PRO A 442 15.55 -8.98 -9.65
CA PRO A 442 15.78 -7.54 -9.41
C PRO A 442 14.54 -6.77 -8.98
N GLN A 443 14.59 -6.28 -7.75
CA GLN A 443 13.51 -5.55 -7.12
C GLN A 443 13.76 -4.05 -7.21
N SER A 444 12.69 -3.29 -7.38
CA SER A 444 12.76 -1.84 -7.48
C SER A 444 12.40 -1.20 -6.15
N PHE A 445 13.32 -0.42 -5.59
CA PHE A 445 13.07 0.33 -4.36
C PHE A 445 12.62 1.76 -4.66
N ASP A 446 12.30 2.07 -5.91
CA ASP A 446 11.94 3.43 -6.32
C ASP A 446 10.44 3.65 -6.40
N ALA A 447 9.65 2.59 -6.54
CA ALA A 447 8.20 2.71 -6.70
C ALA A 447 7.58 3.11 -5.37
N ILE A 448 7.14 4.36 -5.27
CA ILE A 448 6.61 4.90 -4.03
C ILE A 448 5.17 4.45 -3.84
N GLY A 449 4.90 3.78 -2.73
CA GLY A 449 3.57 3.30 -2.43
C GLY A 449 3.29 1.99 -3.16
N SER A 450 4.18 1.02 -2.98
CA SER A 450 4.01 -0.25 -3.69
C SER A 450 4.23 -1.42 -2.75
N THR A 451 3.41 -2.45 -2.93
CA THR A 451 3.53 -3.72 -2.22
C THR A 451 3.76 -4.82 -3.25
N THR A 452 4.74 -5.68 -3.01
CA THR A 452 5.17 -6.67 -3.99
C THR A 452 5.42 -7.99 -3.30
N GLU A 453 4.87 -9.08 -3.86
CA GLU A 453 5.21 -10.42 -3.41
C GLU A 453 6.53 -10.86 -4.02
N VAL A 454 7.41 -11.37 -3.17
CA VAL A 454 8.71 -11.89 -3.59
C VAL A 454 8.78 -13.35 -3.17
N VAL A 455 8.82 -14.26 -4.14
CA VAL A 455 8.91 -15.68 -3.88
C VAL A 455 10.34 -16.12 -4.13
N LEU A 456 10.99 -16.61 -3.07
CA LEU A 456 12.38 -17.06 -3.12
C LEU A 456 12.40 -18.58 -3.15
N GLN A 457 13.05 -19.15 -4.15
CA GLN A 457 13.41 -20.55 -4.08
C GLN A 457 14.52 -20.74 -3.06
N THR A 458 14.53 -21.90 -2.44
CA THR A 458 15.38 -22.17 -1.29
C THR A 458 16.36 -23.29 -1.60
N ALA A 459 17.42 -23.36 -0.80
CA ALA A 459 18.55 -24.22 -1.09
C ALA A 459 18.31 -25.65 -0.58
N ASN A 460 18.63 -26.63 -1.44
CA ASN A 460 18.67 -28.06 -1.13
C ASN A 460 17.31 -28.65 -0.72
N ARG A 461 16.21 -28.01 -1.13
CA ARG A 461 14.87 -28.49 -0.83
C ARG A 461 13.92 -27.99 -1.90
N ASN A 462 12.62 -28.20 -1.68
CA ASN A 462 11.59 -27.70 -2.59
C ASN A 462 10.61 -26.76 -1.90
N ALA A 463 10.93 -26.29 -0.71
CA ALA A 463 10.16 -25.23 -0.10
C ALA A 463 10.56 -23.89 -0.72
N GLU A 464 9.71 -22.88 -0.48
CA GLU A 464 9.95 -21.53 -0.95
C GLU A 464 9.53 -20.53 0.12
N ILE A 465 10.27 -19.43 0.20
CA ILE A 465 10.01 -18.36 1.17
C ILE A 465 9.20 -17.27 0.48
N HIS A 466 8.09 -16.88 1.09
CA HIS A 466 7.21 -15.86 0.53
C HIS A 466 7.34 -14.59 1.37
N LEU A 467 7.78 -13.51 0.73
CA LEU A 467 7.96 -12.23 1.41
C LEU A 467 7.05 -11.18 0.79
N GLY A 468 6.74 -10.17 1.60
CA GLY A 468 6.07 -8.98 1.15
C GLY A 468 7.01 -7.76 1.31
N VAL A 469 7.18 -7.04 0.22
CA VAL A 469 8.03 -5.86 0.20
C VAL A 469 7.14 -4.64 0.02
N THR A 470 7.19 -3.72 0.96
CA THR A 470 6.49 -2.44 0.87
C THR A 470 7.53 -1.34 0.69
N VAL A 471 7.31 -0.45 -0.26
CA VAL A 471 8.13 0.75 -0.42
C VAL A 471 7.21 1.95 -0.29
N ASP A 472 7.48 2.80 0.70
CA ASP A 472 6.74 4.04 0.95
C ASP A 472 7.71 5.21 1.07
N SER A 473 7.14 6.42 1.11
CA SER A 473 7.89 7.59 1.53
C SER A 473 7.69 7.81 3.03
N GLY A 474 8.74 8.34 3.67
CA GLY A 474 8.71 8.52 5.11
C GLY A 474 7.73 9.59 5.53
N GLN A 475 7.18 9.42 6.73
CA GLN A 475 6.09 10.26 7.17
C GLN A 475 6.63 11.59 7.72
N GLY A 476 6.03 12.68 7.27
CA GLY A 476 6.42 13.99 7.76
C GLY A 476 7.75 14.41 7.17
N LYS A 477 8.68 14.81 8.04
CA LYS A 477 9.96 15.40 7.62
C LYS A 477 10.88 14.41 6.92
N TYR A 478 10.61 13.12 7.02
CA TYR A 478 11.39 12.10 6.33
C TYR A 478 10.88 11.83 4.91
N LYS A 479 10.28 12.85 4.27
CA LYS A 479 9.60 12.68 2.99
C LYS A 479 10.57 12.35 1.87
N MET A 480 11.84 12.75 2.00
CA MET A 480 12.88 12.45 1.02
C MET A 480 13.56 11.11 1.28
N VAL A 481 13.06 10.31 2.23
CA VAL A 481 13.64 9.01 2.56
C VAL A 481 12.66 7.93 2.13
N LYS A 482 13.13 6.99 1.31
CA LYS A 482 12.31 5.88 0.86
C LYS A 482 12.46 4.72 1.83
N VAL A 483 11.36 4.34 2.49
CA VAL A 483 11.38 3.30 3.51
C VAL A 483 10.93 2.00 2.87
N VAL A 484 11.79 0.99 2.92
CA VAL A 484 11.54 -0.32 2.36
C VAL A 484 11.35 -1.30 3.52
N THR A 485 10.11 -1.74 3.72
CA THR A 485 9.80 -2.75 4.71
C THR A 485 9.81 -4.13 4.05
N LEU A 486 10.62 -5.03 4.60
CA LEU A 486 10.59 -6.44 4.20
C LEU A 486 9.91 -7.24 5.30
N ALA A 487 8.82 -7.91 4.95
CA ALA A 487 7.98 -8.64 5.90
C ALA A 487 7.76 -10.04 5.34
N PRO A 488 7.38 -11.01 6.18
CA PRO A 488 6.83 -12.25 5.62
C PRO A 488 5.45 -11.98 5.05
N ARG A 489 5.07 -12.76 4.04
CA ARG A 489 3.75 -12.54 3.47
C ARG A 489 2.67 -13.16 4.33
N TYR A 490 2.92 -14.33 4.92
CA TYR A 490 1.91 -15.02 5.73
C TYR A 490 2.35 -15.04 7.18
N VAL A 491 1.49 -14.54 8.06
CA VAL A 491 1.67 -14.58 9.51
C VAL A 491 0.40 -15.18 10.11
N ILE A 492 0.55 -16.19 10.97
CA ILE A 492 -0.58 -16.83 11.63
C ILE A 492 -0.56 -16.43 13.12
N HIS A 493 -1.75 -16.19 13.66
CA HIS A 493 -1.92 -15.74 15.04
C HIS A 493 -2.97 -16.63 15.70
N ASN A 494 -2.67 -17.09 16.92
CA ASN A 494 -3.50 -18.06 17.62
C ASN A 494 -4.25 -17.35 18.75
N LYS A 495 -5.58 -17.38 18.67
CA LYS A 495 -6.45 -16.87 19.73
C LYS A 495 -7.52 -17.88 20.09
N LEU A 496 -7.21 -19.17 19.93
CA LEU A 496 -8.18 -20.23 20.23
C LEU A 496 -8.30 -20.50 21.72
N GLY A 497 -7.35 -20.05 22.53
CA GLY A 497 -7.35 -20.29 23.95
C GLY A 497 -6.35 -21.34 24.42
N GLU A 498 -5.95 -22.25 23.54
CA GLU A 498 -4.98 -23.29 23.86
C GLU A 498 -3.94 -23.34 22.74
N ASP A 499 -2.97 -24.24 22.90
CA ASP A 499 -1.95 -24.44 21.87
C ASP A 499 -2.51 -25.28 20.72
N ILE A 500 -1.94 -25.08 19.54
CA ILE A 500 -2.44 -25.72 18.32
C ILE A 500 -1.25 -26.23 17.53
N ASN A 501 -1.50 -27.19 16.64
CA ASN A 501 -0.52 -27.71 15.70
C ASN A 501 -0.99 -27.38 14.30
N ILE A 502 -0.11 -26.80 13.49
CA ILE A 502 -0.48 -26.46 12.12
C ILE A 502 0.41 -27.24 11.17
N ARG A 503 -0.12 -27.52 9.97
CA ARG A 503 0.58 -28.32 8.97
C ARG A 503 0.00 -28.01 7.61
N GLU A 504 0.86 -27.84 6.62
CA GLU A 504 0.40 -27.71 5.25
C GLU A 504 0.06 -29.11 4.72
N PRO A 505 -1.11 -29.29 4.08
CA PRO A 505 -1.64 -30.67 3.88
C PRO A 505 -0.89 -31.51 2.85
N SER A 506 -0.06 -30.90 2.00
CA SER A 506 0.80 -31.65 1.09
C SER A 506 2.18 -31.93 1.69
N SER A 507 2.25 -31.99 3.02
CA SER A 507 3.52 -32.00 3.73
C SER A 507 3.32 -32.69 5.07
N SER A 508 4.27 -33.53 5.44
CA SER A 508 4.23 -34.25 6.70
C SER A 508 4.89 -33.47 7.85
N PHE A 509 5.35 -32.25 7.58
CA PHE A 509 6.09 -31.45 8.54
C PHE A 509 5.09 -30.53 9.27
N TRP A 510 4.90 -30.77 10.56
CA TRP A 510 4.01 -29.97 11.38
C TRP A 510 4.80 -29.09 12.33
N ILE A 511 4.18 -28.00 12.78
CA ILE A 511 4.85 -27.06 13.66
C ILE A 511 3.81 -26.52 14.65
N PRO A 512 4.14 -26.38 15.94
CA PRO A 512 3.14 -25.90 16.90
C PRO A 512 3.05 -24.38 16.93
N LEU A 513 2.05 -23.92 17.69
CA LEU A 513 1.76 -22.50 17.79
C LEU A 513 1.01 -22.29 19.10
N LYS A 514 1.63 -21.57 20.03
CA LYS A 514 1.07 -21.39 21.36
C LYS A 514 -0.01 -20.31 21.34
N HIS A 515 -0.79 -20.28 22.42
CA HIS A 515 -1.92 -19.35 22.52
C HIS A 515 -1.42 -17.93 22.76
N GLY A 516 -1.92 -17.00 21.94
CA GLY A 516 -1.48 -15.62 22.01
C GLY A 516 -0.17 -15.33 21.33
N ALA A 517 0.38 -16.28 20.58
CA ALA A 517 1.66 -16.12 19.91
C ALA A 517 1.45 -15.99 18.41
N HIS A 518 2.12 -15.01 17.80
CA HIS A 518 2.11 -14.83 16.36
C HIS A 518 3.39 -15.38 15.77
N ARG A 519 3.29 -15.95 14.57
CA ARG A 519 4.45 -16.60 13.95
C ARG A 519 4.33 -16.51 12.43
N PRO A 520 5.45 -16.29 11.73
CA PRO A 520 5.40 -16.28 10.26
C PRO A 520 5.43 -17.70 9.69
N LEU A 521 5.01 -17.79 8.43
CA LEU A 521 4.91 -19.05 7.68
C LEU A 521 5.86 -18.96 6.49
N HIS A 522 7.15 -19.09 6.76
CA HIS A 522 8.19 -18.83 5.77
C HIS A 522 8.23 -19.88 4.68
N TRP A 523 8.64 -21.09 5.04
CA TRP A 523 8.79 -22.16 4.05
C TRP A 523 7.42 -22.71 3.71
N LEU A 524 7.07 -22.67 2.43
CA LEU A 524 5.82 -23.25 1.94
C LEU A 524 6.14 -24.21 0.80
N GLN A 525 5.27 -25.19 0.61
CA GLN A 525 5.44 -26.16 -0.47
C GLN A 525 4.83 -25.59 -1.74
N ARG A 526 5.42 -25.96 -2.88
CA ARG A 526 5.11 -25.32 -4.16
C ARG A 526 3.71 -25.65 -4.65
N GLY A 527 3.02 -24.64 -5.17
CA GLY A 527 1.67 -24.81 -5.65
C GLY A 527 1.05 -23.46 -5.95
N ALA A 528 -0.10 -23.51 -6.63
CA ALA A 528 -0.82 -22.29 -6.97
C ALA A 528 -1.59 -21.76 -5.78
N VAL A 529 -2.39 -22.62 -5.14
CA VAL A 529 -3.10 -22.28 -3.92
C VAL A 529 -2.34 -22.83 -2.72
N LYS A 530 -2.21 -22.00 -1.69
CA LYS A 530 -1.50 -22.36 -0.47
C LYS A 530 -2.53 -22.73 0.59
N GLN A 531 -2.28 -23.83 1.31
CA GLN A 531 -3.27 -24.36 2.24
C GLN A 531 -2.66 -24.64 3.61
N LEU A 532 -3.54 -24.87 4.58
CA LEU A 532 -3.15 -25.22 5.94
C LEU A 532 -4.20 -26.12 6.59
N CYS A 533 -3.78 -26.77 7.68
CA CYS A 533 -4.62 -27.64 8.49
C CYS A 533 -4.22 -27.52 9.95
N LEU A 534 -5.19 -27.73 10.83
CA LEU A 534 -5.04 -27.54 12.28
C LEU A 534 -5.32 -28.85 13.01
N CYS A 535 -4.72 -29.00 14.19
CA CYS A 535 -5.00 -30.14 15.06
C CYS A 535 -4.64 -29.78 16.50
N TYR A 536 -5.32 -30.41 17.44
CA TYR A 536 -4.92 -30.27 18.82
C TYR A 536 -3.68 -31.10 19.10
N PRO A 537 -2.85 -30.70 20.08
CA PRO A 537 -1.61 -31.45 20.34
C PRO A 537 -1.78 -32.80 21.02
N GLY A 538 -3.00 -33.25 21.29
CA GLY A 538 -3.20 -34.61 21.76
C GLY A 538 -3.00 -35.62 20.63
N VAL A 539 -2.34 -36.72 20.97
CA VAL A 539 -2.12 -37.83 20.04
C VAL A 539 -3.47 -38.49 19.74
N ASP A 540 -3.62 -38.97 18.50
CA ASP A 540 -4.80 -39.63 17.91
C ASP A 540 -5.97 -38.66 17.73
N ASN A 541 -5.70 -37.35 17.76
CA ASN A 541 -6.67 -36.37 17.29
C ASN A 541 -6.50 -36.18 15.79
N GLN A 542 -7.59 -35.81 15.13
CA GLN A 542 -7.62 -35.76 13.68
C GLN A 542 -7.45 -34.35 13.15
N TRP A 543 -6.75 -34.24 12.01
CA TRP A 543 -6.53 -32.97 11.33
C TRP A 543 -7.81 -32.52 10.64
N THR A 544 -7.87 -31.22 10.35
CA THR A 544 -9.06 -30.63 9.78
C THR A 544 -9.04 -30.70 8.25
N ALA A 545 -10.11 -30.19 7.64
CA ALA A 545 -10.14 -29.98 6.20
C ALA A 545 -9.15 -28.87 5.82
N PRO A 546 -8.59 -28.91 4.62
CA PRO A 546 -7.67 -27.83 4.21
C PRO A 546 -8.42 -26.56 3.86
N PHE A 547 -7.83 -25.43 4.24
CA PHE A 547 -8.38 -24.11 3.93
C PHE A 547 -7.34 -23.27 3.22
N ASN A 548 -7.77 -22.50 2.23
CA ASN A 548 -6.89 -21.65 1.45
C ASN A 548 -6.50 -20.42 2.27
N ILE A 549 -5.20 -20.25 2.50
CA ILE A 549 -4.73 -19.16 3.36
C ILE A 549 -4.58 -17.84 2.62
N SER A 550 -4.85 -17.80 1.32
CA SER A 550 -4.76 -16.58 0.54
C SER A 550 -6.13 -16.02 0.16
N ASP A 551 -7.22 -16.69 0.52
CA ASP A 551 -8.56 -16.23 0.21
C ASP A 551 -9.02 -15.31 1.34
N LEU A 552 -9.13 -14.01 1.05
CA LEU A 552 -9.42 -13.02 2.07
C LEU A 552 -10.88 -13.12 2.54
N GLY A 553 -11.08 -12.82 3.82
CA GLY A 553 -12.40 -12.96 4.42
C GLY A 553 -12.46 -13.97 5.53
N ILE A 554 -13.67 -14.42 5.89
CA ILE A 554 -13.85 -15.35 6.99
C ILE A 554 -14.12 -16.75 6.45
N THR A 555 -13.61 -17.75 7.16
CA THR A 555 -13.75 -19.14 6.76
C THR A 555 -13.93 -19.99 8.01
N HIS A 556 -14.97 -20.83 8.02
CA HIS A 556 -15.24 -21.68 9.16
C HIS A 556 -14.61 -23.06 8.97
N LEU A 557 -14.23 -23.69 10.07
CA LEU A 557 -13.44 -24.91 10.01
C LEU A 557 -13.70 -25.72 11.27
N LYS A 558 -14.18 -26.95 11.11
CA LYS A 558 -14.54 -27.80 12.25
C LYS A 558 -13.33 -28.60 12.71
N ILE A 559 -13.20 -28.76 14.03
CA ILE A 559 -12.10 -29.48 14.64
C ILE A 559 -12.65 -30.33 15.78
N ALA A 560 -12.02 -31.49 16.02
CA ALA A 560 -12.44 -32.38 17.10
C ALA A 560 -11.26 -32.74 17.99
N LEU A 568 -16.60 -24.97 16.55
CA LEU A 568 -16.29 -24.40 15.25
C LEU A 568 -15.20 -23.33 15.38
N ILE A 569 -14.22 -23.38 14.48
CA ILE A 569 -13.11 -22.42 14.45
C ILE A 569 -13.34 -21.43 13.32
N ARG A 570 -13.18 -20.15 13.64
CA ARG A 570 -13.29 -19.07 12.66
C ARG A 570 -11.89 -18.58 12.31
N VAL A 571 -11.55 -18.64 11.03
CA VAL A 571 -10.28 -18.16 10.51
C VAL A 571 -10.58 -16.92 9.68
N GLU A 572 -10.17 -15.75 10.16
CA GLU A 572 -10.28 -14.55 9.34
C GLU A 572 -8.92 -14.21 8.74
N ILE A 573 -8.95 -13.83 7.47
CA ILE A 573 -7.77 -13.74 6.63
C ILE A 573 -7.76 -12.34 6.05
N LEU A 574 -6.83 -11.50 6.51
CA LEU A 574 -6.87 -10.08 6.14
C LEU A 574 -5.47 -9.57 5.79
N MET A 575 -5.38 -8.79 4.73
CA MET A 575 -4.10 -8.29 4.25
C MET A 575 -3.81 -6.93 4.87
N GLU A 576 -2.55 -6.72 5.26
CA GLU A 576 -2.10 -5.46 5.84
C GLU A 576 -0.64 -5.27 5.44
N ASP A 577 -0.39 -4.27 4.59
CA ASP A 577 0.94 -3.79 4.16
C ASP A 577 1.84 -4.92 3.63
N ALA A 578 1.37 -5.52 2.52
CA ALA A 578 1.92 -6.72 1.89
C ALA A 578 2.05 -7.93 2.82
N THR A 579 1.28 -8.03 3.91
CA THR A 579 1.32 -9.24 4.74
C THR A 579 -0.09 -9.74 4.99
N ILE A 580 -0.36 -10.96 4.55
CA ILE A 580 -1.61 -11.64 4.87
C ILE A 580 -1.53 -12.17 6.29
N PHE A 581 -2.42 -11.69 7.16
CA PHE A 581 -2.50 -12.17 8.53
C PHE A 581 -3.65 -13.15 8.66
N LEU A 582 -3.34 -14.32 9.21
CA LEU A 582 -4.30 -15.37 9.51
C LEU A 582 -4.63 -15.28 11.00
N ASN A 583 -5.90 -15.15 11.34
CA ASN A 583 -6.32 -15.07 12.73
C ASN A 583 -7.28 -16.21 13.02
N LEU A 584 -6.87 -17.09 13.94
CA LEU A 584 -7.66 -18.24 14.37
C LEU A 584 -8.40 -17.89 15.65
N SER A 585 -9.68 -18.22 15.73
CA SER A 585 -10.44 -17.94 16.93
C SER A 585 -11.54 -18.98 17.08
N MET A 586 -12.09 -19.07 18.29
CA MET A 586 -13.26 -19.91 18.53
C MET A 586 -14.51 -19.12 18.15
N GLU A 587 -15.32 -19.69 17.26
CA GLU A 587 -16.50 -19.00 16.77
C GLU A 587 -17.59 -19.01 17.84
N GLN A 588 -17.96 -17.83 18.31
CA GLN A 588 -18.90 -17.67 19.41
C GLN A 588 -20.29 -17.24 18.94
N ARG A 589 -20.62 -17.48 17.68
CA ARG A 589 -21.94 -17.20 17.12
C ARG A 589 -22.59 -18.51 16.66
N ASN A 590 -23.77 -18.38 16.05
CA ASN A 590 -24.46 -19.54 15.51
C ASN A 590 -23.76 -20.06 14.26
N TRP A 591 -23.86 -21.37 14.07
CA TRP A 591 -23.28 -22.01 12.89
C TRP A 591 -24.10 -21.66 11.65
N PRO A 592 -23.47 -21.55 10.47
CA PRO A 592 -24.22 -21.12 9.27
C PRO A 592 -25.22 -22.15 8.74
N PHE A 593 -25.18 -23.39 9.18
CA PHE A 593 -26.14 -24.39 8.71
C PHE A 593 -26.69 -25.23 9.87
N PRO B 21 -19.70 -52.64 1.77
CA PRO B 21 -18.51 -51.85 1.42
C PRO B 21 -17.76 -52.38 0.20
N TYR B 22 -18.36 -53.31 -0.54
CA TYR B 22 -17.75 -53.86 -1.75
C TYR B 22 -18.73 -53.77 -2.90
N ARG B 23 -18.19 -53.61 -4.11
CA ARG B 23 -18.99 -53.59 -5.33
C ARG B 23 -18.22 -54.35 -6.41
N ILE B 24 -18.83 -55.40 -6.95
CA ILE B 24 -18.19 -56.26 -7.95
C ILE B 24 -18.84 -56.00 -9.30
N ARG B 25 -18.00 -55.75 -10.31
CA ARG B 25 -18.42 -55.51 -11.68
C ARG B 25 -17.96 -56.69 -12.54
N ASN B 26 -18.91 -57.42 -13.11
CA ASN B 26 -18.58 -58.60 -13.93
C ASN B 26 -18.46 -58.13 -15.38
N TYR B 27 -17.22 -58.04 -15.87
CA TYR B 27 -16.93 -57.61 -17.23
C TYR B 27 -16.10 -58.67 -17.96
N THR B 28 -16.28 -59.95 -17.60
CA THR B 28 -15.45 -61.02 -18.14
C THR B 28 -15.91 -61.54 -19.48
N GLY B 29 -17.09 -61.14 -19.95
CA GLY B 29 -17.69 -61.76 -21.12
C GLY B 29 -18.43 -63.04 -20.83
N PHE B 30 -18.53 -63.43 -19.56
CA PHE B 30 -19.26 -64.63 -19.14
C PHE B 30 -20.08 -64.27 -17.91
N ASP B 31 -20.94 -65.21 -17.51
CA ASP B 31 -21.65 -65.10 -16.24
C ASP B 31 -20.82 -65.75 -15.14
N VAL B 32 -20.76 -65.10 -13.99
CA VAL B 32 -19.94 -65.58 -12.89
C VAL B 32 -20.82 -65.92 -11.69
N ILE B 33 -20.26 -66.76 -10.82
CA ILE B 33 -20.84 -67.09 -9.52
C ILE B 33 -19.77 -66.77 -8.48
N ILE B 34 -20.13 -65.93 -7.50
CA ILE B 34 -19.18 -65.40 -6.54
C ILE B 34 -19.56 -65.91 -5.16
N SER B 35 -18.61 -66.56 -4.50
CA SER B 35 -18.83 -67.09 -3.15
C SER B 35 -17.64 -66.81 -2.24
N LEU B 56 -23.39 -65.11 -4.84
CA LEU B 56 -23.85 -64.05 -5.74
C LEU B 56 -23.65 -64.44 -7.20
N ARG B 57 -24.75 -64.52 -7.94
CA ARG B 57 -24.74 -64.87 -9.36
C ARG B 57 -24.85 -63.59 -10.17
N LEU B 58 -23.73 -63.15 -10.74
CA LEU B 58 -23.66 -61.93 -11.53
C LEU B 58 -23.57 -62.26 -13.01
N GLU B 59 -24.48 -61.69 -13.80
CA GLU B 59 -24.44 -61.88 -15.24
C GLU B 59 -23.42 -60.93 -15.86
N ASP B 60 -23.20 -61.09 -17.17
CA ASP B 60 -22.18 -60.33 -17.87
C ASP B 60 -22.62 -58.89 -18.06
N GLY B 61 -21.81 -57.96 -17.54
CA GLY B 61 -22.09 -56.54 -17.65
C GLY B 61 -22.90 -55.96 -16.52
N GLN B 62 -23.12 -56.71 -15.44
CA GLN B 62 -23.96 -56.26 -14.35
C GLN B 62 -23.10 -56.08 -13.09
N GLU B 63 -23.38 -55.01 -12.34
CA GLU B 63 -22.67 -54.71 -11.11
C GLU B 63 -23.54 -55.04 -9.91
N ALA B 64 -22.89 -55.44 -8.80
CA ALA B 64 -23.65 -55.83 -7.62
C ALA B 64 -22.84 -55.58 -6.36
N PRO B 65 -23.49 -55.20 -5.25
CA PRO B 65 -22.75 -55.02 -3.99
C PRO B 65 -22.39 -56.35 -3.36
N TRP B 66 -21.47 -56.27 -2.39
CA TRP B 66 -20.93 -57.43 -1.71
C TRP B 66 -20.32 -56.99 -0.39
N SER B 67 -20.45 -57.83 0.64
CA SER B 67 -19.85 -57.60 1.94
C SER B 67 -19.30 -58.92 2.46
N PHE B 68 -18.81 -58.90 3.70
CA PHE B 68 -18.34 -60.12 4.37
C PHE B 68 -18.99 -60.27 5.74
N ASN B 86 -11.29 -62.82 4.58
CA ASN B 86 -12.08 -61.89 3.78
C ASN B 86 -11.80 -62.05 2.30
N SER B 87 -11.90 -63.28 1.81
CA SER B 87 -11.64 -63.61 0.42
C SER B 87 -12.85 -64.29 -0.20
N ILE B 88 -12.92 -64.28 -1.54
CA ILE B 88 -14.03 -64.87 -2.27
C ILE B 88 -13.50 -65.84 -3.33
N SER B 89 -14.43 -66.41 -4.09
CA SER B 89 -14.12 -67.33 -5.17
C SER B 89 -15.05 -67.05 -6.35
N VAL B 90 -14.49 -67.10 -7.56
CA VAL B 90 -15.20 -66.75 -8.79
C VAL B 90 -15.25 -67.98 -9.68
N GLN B 91 -16.45 -68.35 -10.12
CA GLN B 91 -16.66 -69.37 -11.13
C GLN B 91 -17.15 -68.70 -12.41
N LEU B 92 -16.39 -68.85 -13.49
CA LEU B 92 -16.84 -68.39 -14.81
C LEU B 92 -17.64 -69.51 -15.45
N VAL B 93 -18.95 -69.32 -15.57
CA VAL B 93 -19.87 -70.37 -16.00
C VAL B 93 -19.77 -70.53 -17.51
N GLY B 94 -19.51 -71.76 -17.95
CA GLY B 94 -19.46 -72.05 -19.37
C GLY B 94 -18.19 -71.60 -20.06
N SER B 95 -17.11 -71.40 -19.33
CA SER B 95 -15.86 -70.89 -19.88
C SER B 95 -14.81 -71.97 -20.10
N GLY B 96 -15.02 -73.18 -19.58
CA GLY B 96 -14.00 -74.20 -19.66
C GLY B 96 -12.80 -73.96 -18.78
N PHE B 97 -13.01 -73.26 -17.66
CA PHE B 97 -11.94 -72.96 -16.71
C PHE B 97 -12.39 -73.39 -15.32
N GLN B 98 -11.40 -73.73 -14.49
CA GLN B 98 -11.68 -74.11 -13.12
C GLN B 98 -12.02 -72.87 -12.28
N GLU B 99 -12.57 -73.13 -11.10
CA GLU B 99 -13.01 -72.05 -10.21
C GLU B 99 -11.81 -71.38 -9.58
N VAL B 100 -11.59 -70.11 -9.89
CA VAL B 100 -10.53 -69.38 -9.22
C VAL B 100 -11.00 -68.99 -7.82
N LYS B 101 -10.20 -69.37 -6.83
CA LYS B 101 -10.49 -69.12 -5.42
C LYS B 101 -9.31 -68.41 -4.79
N SER B 102 -9.44 -68.16 -3.47
CA SER B 102 -8.49 -67.41 -2.65
C SER B 102 -8.21 -66.01 -3.22
N ILE B 103 -9.30 -65.27 -3.43
CA ILE B 103 -9.25 -63.96 -4.07
C ILE B 103 -9.34 -62.93 -2.95
N ARG B 104 -8.20 -62.41 -2.51
CA ARG B 104 -8.20 -61.41 -1.44
C ARG B 104 -8.71 -60.07 -1.97
N LEU B 105 -9.61 -59.44 -1.21
CA LEU B 105 -10.22 -58.17 -1.61
C LEU B 105 -9.87 -57.04 -0.64
N THR B 106 -8.73 -57.13 0.05
CA THR B 106 -8.37 -56.14 1.05
C THR B 106 -7.39 -55.09 0.54
N ARG B 107 -6.61 -55.39 -0.50
CA ARG B 107 -5.69 -54.44 -1.07
C ARG B 107 -6.13 -54.05 -2.48
N GLU B 108 -5.76 -52.84 -2.89
CA GLU B 108 -6.15 -52.31 -4.19
C GLU B 108 -5.02 -52.49 -5.19
N GLY B 109 -5.39 -52.50 -6.47
CA GLY B 109 -4.44 -52.67 -7.54
C GLY B 109 -4.95 -53.62 -8.60
N GLU B 110 -4.04 -54.11 -9.44
CA GLU B 110 -4.37 -55.04 -10.50
C GLU B 110 -3.69 -56.37 -10.18
N PHE B 111 -4.50 -57.41 -9.95
CA PHE B 111 -4.01 -58.74 -9.59
C PHE B 111 -4.43 -59.73 -10.67
N LEU B 112 -3.46 -60.52 -11.15
CA LEU B 112 -3.73 -61.50 -12.20
C LEU B 112 -3.88 -62.89 -11.61
N PHE B 113 -4.80 -63.68 -12.17
CA PHE B 113 -4.99 -65.06 -11.77
C PHE B 113 -5.10 -65.96 -13.00
N LYS B 125 -5.78 -65.77 -19.12
CA LYS B 125 -5.46 -64.82 -18.05
C LYS B 125 -6.71 -64.08 -17.54
N LEU B 126 -6.86 -64.01 -16.22
CA LEU B 126 -7.92 -63.27 -15.55
C LEU B 126 -7.29 -62.08 -14.82
N LEU B 127 -7.97 -60.93 -14.84
CA LEU B 127 -7.49 -59.76 -14.13
C LEU B 127 -8.59 -59.28 -13.18
N VAL B 128 -8.20 -58.97 -11.95
CA VAL B 128 -9.08 -58.38 -10.96
C VAL B 128 -8.50 -57.01 -10.61
N GLU B 129 -9.26 -55.95 -10.91
CA GLU B 129 -8.86 -54.58 -10.60
C GLU B 129 -9.68 -54.10 -9.42
N ILE B 130 -9.00 -53.72 -8.34
CA ILE B 130 -9.65 -53.18 -7.15
C ILE B 130 -9.25 -51.71 -7.02
N LYS B 131 -10.25 -50.83 -7.00
CA LYS B 131 -10.02 -49.39 -6.85
C LYS B 131 -10.80 -48.88 -5.65
N LEU B 132 -10.10 -48.18 -4.76
CA LEU B 132 -10.72 -47.57 -3.58
C LEU B 132 -11.19 -46.18 -3.97
N GLY B 133 -12.48 -46.03 -4.23
CA GLY B 133 -13.04 -44.82 -4.79
C GLY B 133 -13.16 -43.69 -3.78
N LYS B 134 -13.87 -42.64 -4.21
CA LYS B 134 -14.07 -41.48 -3.36
C LYS B 134 -15.07 -41.76 -2.25
N ASP B 135 -16.01 -42.68 -2.52
CA ASP B 135 -16.98 -43.09 -1.48
C ASP B 135 -16.34 -44.24 -0.69
N ASN B 136 -15.01 -44.28 -0.60
CA ASN B 136 -14.30 -45.37 0.09
C ASN B 136 -15.03 -46.72 -0.02
N ILE B 137 -15.38 -47.12 -1.25
CA ILE B 137 -16.01 -48.46 -1.47
C ILE B 137 -15.04 -49.28 -2.32
N LYS B 138 -14.96 -50.59 -2.09
CA LYS B 138 -14.00 -51.45 -2.83
C LYS B 138 -14.51 -51.87 -4.22
N TYR B 139 -14.23 -51.07 -5.25
CA TYR B 139 -14.63 -51.43 -6.63
C TYR B 139 -13.83 -52.66 -7.08
N VAL B 140 -14.50 -53.68 -7.61
CA VAL B 140 -13.81 -54.91 -7.97
C VAL B 140 -14.25 -55.33 -9.36
N THR B 141 -13.49 -54.93 -10.37
CA THR B 141 -13.82 -55.24 -11.76
C THR B 141 -13.10 -56.52 -12.19
N LEU B 142 -13.92 -57.50 -12.60
CA LEU B 142 -13.37 -58.76 -13.13
C LEU B 142 -13.31 -58.61 -14.65
N ARG B 143 -12.15 -58.84 -15.25
CA ARG B 143 -11.98 -58.58 -16.68
C ARG B 143 -10.81 -59.39 -17.25
N SER B 144 -10.59 -59.22 -18.55
CA SER B 144 -9.40 -59.65 -19.25
C SER B 144 -8.31 -58.58 -19.11
N PRO B 145 -7.04 -58.93 -19.30
CA PRO B 145 -5.98 -57.90 -19.19
C PRO B 145 -5.89 -56.93 -20.36
N LEU B 146 -6.86 -56.98 -21.27
CA LEU B 146 -6.91 -56.04 -22.42
C LEU B 146 -8.04 -55.03 -22.16
N LEU B 147 -7.71 -53.77 -21.91
CA LEU B 147 -8.72 -52.76 -21.60
C LEU B 147 -8.65 -51.66 -22.64
N VAL B 148 -9.82 -51.17 -23.07
CA VAL B 148 -9.91 -50.04 -23.99
C VAL B 148 -10.53 -48.88 -23.23
N GLU B 149 -9.78 -47.78 -23.13
CA GLU B 149 -10.21 -46.57 -22.45
C GLU B 149 -10.80 -45.58 -23.45
N ASN B 150 -11.98 -45.06 -23.13
CA ASN B 150 -12.62 -44.00 -23.91
C ASN B 150 -12.35 -42.69 -23.18
N ASP B 151 -11.31 -41.98 -23.61
CA ASP B 151 -11.04 -40.64 -23.13
C ASP B 151 -11.45 -39.57 -24.14
N THR B 152 -12.48 -39.86 -24.94
CA THR B 152 -13.11 -38.89 -25.82
C THR B 152 -14.45 -38.48 -25.23
N GLY B 153 -15.13 -37.56 -25.90
CA GLY B 153 -16.37 -37.01 -25.40
C GLY B 153 -17.63 -37.65 -25.92
N ILE B 154 -17.53 -38.69 -26.74
CA ILE B 154 -18.69 -39.34 -27.35
C ILE B 154 -18.65 -40.82 -27.00
N VAL B 155 -19.77 -41.50 -27.31
CA VAL B 155 -19.91 -42.92 -27.01
C VAL B 155 -19.22 -43.72 -28.11
N VAL B 156 -18.36 -44.65 -27.70
CA VAL B 156 -17.54 -45.43 -28.64
C VAL B 156 -17.98 -46.89 -28.59
N GLU B 157 -18.31 -47.46 -29.75
CA GLU B 157 -18.63 -48.87 -29.83
C GLU B 157 -17.36 -49.67 -30.13
N LEU B 158 -17.18 -50.77 -29.40
CA LEU B 158 -16.03 -51.66 -29.54
C LEU B 158 -16.51 -53.03 -29.99
N GLY B 159 -15.94 -53.54 -31.07
CA GLY B 159 -16.32 -54.81 -31.65
C GLY B 159 -15.20 -55.83 -31.56
N VAL B 160 -15.57 -57.08 -31.29
CA VAL B 160 -14.64 -58.19 -31.26
C VAL B 160 -14.67 -58.86 -32.63
N TYR B 161 -13.55 -58.83 -33.35
CA TYR B 161 -13.49 -59.16 -34.76
C TYR B 161 -12.62 -60.39 -34.98
N ASP B 162 -13.14 -61.34 -35.76
CA ASP B 162 -12.39 -62.51 -36.21
C ASP B 162 -11.94 -62.21 -37.63
N ALA B 163 -10.67 -61.80 -37.76
CA ALA B 163 -10.14 -61.36 -39.05
C ALA B 163 -9.91 -62.52 -40.01
N HIS B 164 -9.82 -63.75 -39.52
CA HIS B 164 -9.65 -64.92 -40.38
C HIS B 164 -10.94 -65.32 -41.07
N GLU B 165 -12.10 -64.92 -40.55
CA GLU B 165 -13.38 -65.17 -41.21
C GLU B 165 -14.18 -63.93 -41.55
N GLY B 166 -13.65 -62.73 -41.26
CA GLY B 166 -14.38 -61.50 -41.52
C GLY B 166 -15.60 -61.36 -40.63
N HIS B 167 -15.45 -61.72 -39.36
CA HIS B 167 -16.57 -62.09 -38.50
C HIS B 167 -16.52 -61.23 -37.24
N LEU B 168 -17.61 -60.52 -36.98
CA LEU B 168 -17.74 -59.71 -35.77
C LEU B 168 -18.51 -60.50 -34.72
N LEU B 169 -17.87 -60.75 -33.58
CA LEU B 169 -18.48 -61.58 -32.54
C LEU B 169 -19.42 -60.77 -31.65
N LYS B 170 -18.87 -59.84 -30.87
CA LYS B 170 -19.64 -59.09 -29.89
C LYS B 170 -19.40 -57.59 -30.07
N ILE B 171 -20.36 -56.80 -29.60
CA ILE B 171 -20.32 -55.34 -29.65
C ILE B 171 -20.62 -54.82 -28.25
N GLU B 172 -19.70 -54.03 -27.70
CA GLU B 172 -19.87 -53.44 -26.37
C GLU B 172 -19.74 -51.93 -26.47
N ARG B 173 -20.68 -51.22 -25.85
CA ARG B 173 -20.67 -49.77 -25.81
C ARG B 173 -19.79 -49.27 -24.67
N ILE B 174 -19.04 -48.19 -24.93
CA ILE B 174 -18.20 -47.53 -23.93
C ILE B 174 -18.64 -46.08 -23.85
N ASN B 175 -19.12 -45.66 -22.68
CA ASN B 175 -19.49 -44.28 -22.41
C ASN B 175 -18.23 -43.42 -22.32
N PRO B 176 -18.36 -42.09 -22.50
CA PRO B 176 -17.22 -41.21 -22.29
C PRO B 176 -16.73 -41.21 -20.84
N GLY B 177 -15.40 -41.28 -20.69
CA GLY B 177 -14.76 -41.28 -19.40
C GLY B 177 -14.51 -42.66 -18.84
N GLU B 178 -15.33 -43.64 -19.19
CA GLU B 178 -15.21 -44.99 -18.67
C GLU B 178 -14.33 -45.83 -19.60
N SER B 179 -14.25 -47.13 -19.31
CA SER B 179 -13.44 -48.04 -20.11
C SER B 179 -14.12 -49.41 -20.13
N LYS B 180 -13.85 -50.18 -21.17
CA LYS B 180 -14.43 -51.50 -21.31
C LYS B 180 -13.38 -52.50 -21.78
N PRO B 181 -13.41 -53.74 -21.29
CA PRO B 181 -12.37 -54.70 -21.68
C PRO B 181 -12.79 -55.61 -22.82
N ALA B 182 -11.82 -56.33 -23.36
CA ALA B 182 -12.10 -57.45 -24.24
C ALA B 182 -12.63 -58.62 -23.40
N PRO B 183 -13.38 -59.55 -24.01
CA PRO B 183 -13.78 -60.75 -23.26
C PRO B 183 -12.59 -61.63 -22.92
N VAL B 184 -12.74 -62.34 -21.79
CA VAL B 184 -11.69 -63.21 -21.27
C VAL B 184 -11.50 -64.39 -22.21
N GLY B 185 -10.27 -64.59 -22.68
CA GLY B 185 -9.98 -65.67 -23.59
C GLY B 185 -9.93 -65.21 -25.03
N ALA B 186 -10.93 -64.42 -25.44
CA ALA B 186 -10.99 -63.89 -26.80
C ALA B 186 -10.02 -62.76 -27.06
N ALA B 187 -9.39 -62.21 -26.00
CA ALA B 187 -8.42 -61.13 -26.18
C ALA B 187 -7.12 -61.62 -26.80
N TYR B 188 -6.74 -62.86 -26.51
CA TYR B 188 -5.48 -63.40 -27.00
C TYR B 188 -5.57 -63.92 -28.43
N PHE B 189 -6.78 -64.12 -28.96
CA PHE B 189 -6.96 -64.74 -30.26
C PHE B 189 -7.68 -63.85 -31.27
N LYS B 190 -8.70 -63.12 -30.84
CA LYS B 190 -9.50 -62.29 -31.74
C LYS B 190 -9.04 -60.84 -31.67
N SER B 191 -9.12 -60.14 -32.81
CA SER B 191 -8.71 -58.75 -32.89
C SER B 191 -9.86 -57.84 -32.46
N LEU B 192 -9.59 -56.54 -32.45
CA LEU B 192 -10.55 -55.56 -31.96
C LEU B 192 -10.76 -54.49 -33.02
N LEU B 193 -11.93 -53.84 -32.96
CA LEU B 193 -12.27 -52.74 -33.86
C LEU B 193 -13.03 -51.69 -33.06
N VAL B 194 -12.77 -50.41 -33.35
CA VAL B 194 -13.55 -49.35 -32.70
C VAL B 194 -14.30 -48.57 -33.77
N ARG B 195 -15.36 -47.93 -33.33
CA ARG B 195 -16.13 -46.99 -34.15
C ARG B 195 -16.81 -46.01 -33.22
N PRO B 196 -17.25 -44.83 -33.74
CA PRO B 196 -18.06 -43.96 -32.88
C PRO B 196 -19.51 -44.43 -32.71
N ASP B 197 -20.35 -43.55 -32.19
CA ASP B 197 -21.77 -43.85 -32.03
C ASP B 197 -22.40 -43.95 -33.42
N PRO B 198 -23.18 -45.00 -33.69
CA PRO B 198 -23.76 -45.16 -35.04
C PRO B 198 -24.78 -44.10 -35.44
N GLY B 199 -25.23 -43.24 -34.53
CA GLY B 199 -25.99 -42.06 -34.92
C GLY B 199 -25.17 -41.04 -35.67
N PHE B 200 -23.85 -41.04 -35.53
CA PHE B 200 -22.99 -40.15 -36.29
C PHE B 200 -22.72 -40.64 -37.71
N LYS B 201 -23.13 -41.87 -38.03
CA LYS B 201 -23.02 -42.51 -39.35
C LYS B 201 -21.56 -42.59 -39.83
N TYR B 202 -20.71 -43.16 -38.97
CA TYR B 202 -19.31 -43.44 -39.30
C TYR B 202 -19.06 -44.92 -39.15
N GLY B 203 -18.31 -45.49 -40.11
CA GLY B 203 -18.05 -46.90 -40.13
C GLY B 203 -17.02 -47.33 -39.10
N TRP B 204 -16.60 -48.59 -39.23
CA TRP B 204 -15.59 -49.14 -38.33
C TRP B 204 -14.20 -48.64 -38.69
N SER B 205 -13.22 -49.03 -37.88
CA SER B 205 -11.83 -48.72 -38.18
C SER B 205 -11.36 -49.56 -39.36
N SER B 206 -10.60 -48.92 -40.26
CA SER B 206 -10.15 -49.58 -41.48
C SER B 206 -9.12 -50.66 -41.18
N ASP B 207 -8.14 -50.35 -40.33
CA ASP B 207 -7.22 -51.34 -39.80
C ASP B 207 -7.81 -52.00 -38.55
N THR B 208 -7.25 -53.15 -38.18
CA THR B 208 -7.69 -53.84 -36.98
C THR B 208 -6.78 -53.48 -35.81
N LEU B 209 -7.28 -53.75 -34.61
CA LEU B 209 -6.56 -53.45 -33.37
C LEU B 209 -6.05 -54.78 -32.81
N TRP B 210 -4.89 -55.21 -33.30
CA TRP B 210 -4.27 -56.45 -32.88
C TRP B 210 -3.10 -56.14 -31.95
N TRP B 211 -3.11 -56.77 -30.76
CA TRP B 211 -2.20 -56.40 -29.69
C TRP B 211 -0.77 -56.83 -29.95
N ARG B 212 -0.56 -57.85 -30.79
CA ARG B 212 0.81 -58.21 -31.19
C ARG B 212 1.40 -57.17 -32.13
N ASP B 213 0.57 -56.57 -32.99
CA ASP B 213 1.02 -55.42 -33.77
C ASP B 213 1.23 -54.20 -32.89
N LEU B 214 0.44 -54.08 -31.81
CA LEU B 214 0.61 -52.97 -30.88
C LEU B 214 1.81 -53.15 -29.96
N LEU B 215 2.34 -54.37 -29.85
CA LEU B 215 3.57 -54.55 -29.08
C LEU B 215 4.78 -53.98 -29.81
N LYS B 216 4.72 -53.89 -31.14
CA LYS B 216 5.76 -53.26 -31.94
C LYS B 216 5.43 -51.82 -32.31
N ARG B 217 4.15 -51.52 -32.57
CA ARG B 217 3.71 -50.19 -32.97
C ARG B 217 2.52 -49.82 -32.09
N PRO B 218 2.78 -49.19 -30.93
CA PRO B 218 1.70 -48.96 -29.97
C PRO B 218 0.82 -47.78 -30.28
N THR B 219 1.26 -46.89 -31.16
CA THR B 219 0.58 -45.63 -31.41
C THR B 219 0.08 -45.60 -32.85
N LYS B 220 -1.20 -45.30 -33.02
CA LYS B 220 -1.77 -45.30 -34.37
C LYS B 220 -2.88 -44.26 -34.47
N THR B 221 -3.22 -43.92 -35.71
CA THR B 221 -4.42 -43.17 -36.03
C THR B 221 -5.46 -44.15 -36.54
N LEU B 222 -6.62 -44.18 -35.89
CA LEU B 222 -7.71 -45.04 -36.32
C LEU B 222 -8.66 -44.23 -37.18
N VAL B 223 -8.83 -44.67 -38.42
CA VAL B 223 -9.57 -43.94 -39.45
C VAL B 223 -10.92 -44.61 -39.67
N CYS B 224 -11.99 -43.80 -39.75
CA CYS B 224 -13.34 -44.30 -39.94
C CYS B 224 -14.02 -43.49 -41.04
N LYS B 225 -14.23 -44.10 -42.19
CA LYS B 225 -14.91 -43.41 -43.28
C LYS B 225 -16.41 -43.33 -43.00
N SER B 226 -17.06 -42.35 -43.64
CA SER B 226 -18.47 -42.12 -43.39
C SER B 226 -19.34 -43.03 -44.27
N GLU B 227 -20.60 -43.15 -43.86
CA GLU B 227 -21.60 -43.90 -44.60
C GLU B 227 -22.46 -42.99 -45.46
N GLN B 228 -21.95 -41.81 -45.81
CA GLN B 228 -22.62 -40.72 -46.55
C GLN B 228 -23.95 -40.30 -45.91
N GLU B 232 -16.09 -36.41 -45.27
CA GLU B 232 -16.41 -36.78 -43.89
C GLU B 232 -15.62 -38.02 -43.47
N VAL B 233 -14.55 -37.82 -42.69
CA VAL B 233 -13.69 -38.89 -42.21
C VAL B 233 -13.44 -38.64 -40.72
N PHE B 234 -13.78 -39.63 -39.88
CA PHE B 234 -13.58 -39.53 -38.44
C PHE B 234 -12.23 -40.13 -38.04
N TYR B 235 -11.61 -39.53 -37.03
CA TYR B 235 -10.27 -39.90 -36.59
C TYR B 235 -10.25 -40.13 -35.09
N PHE B 236 -9.62 -41.21 -34.66
CA PHE B 236 -9.22 -41.43 -33.28
C PHE B 236 -7.70 -41.48 -33.21
N ARG B 237 -7.15 -41.15 -32.05
CA ARG B 237 -5.75 -41.46 -31.75
C ARG B 237 -5.70 -42.56 -30.71
N LEU B 238 -5.06 -43.67 -31.05
CA LEU B 238 -4.93 -44.81 -30.18
C LEU B 238 -3.51 -44.89 -29.66
N HIS B 239 -3.36 -44.98 -28.34
CA HIS B 239 -2.07 -45.30 -27.76
C HIS B 239 -2.21 -46.50 -26.83
N ALA B 240 -1.30 -47.46 -26.98
CA ALA B 240 -1.26 -48.64 -26.13
C ALA B 240 -0.10 -48.53 -25.16
N ARG B 241 -0.38 -48.78 -23.88
CA ARG B 241 0.63 -48.69 -22.84
C ARG B 241 0.60 -49.93 -21.97
N TRP B 242 1.77 -50.26 -21.40
CA TRP B 242 1.94 -51.38 -20.49
C TRP B 242 3.21 -51.20 -19.68
N ASP B 243 3.29 -51.98 -18.59
CA ASP B 243 4.52 -51.97 -17.77
C ASP B 243 5.58 -52.79 -18.50
N GLN B 244 6.72 -52.19 -18.80
CA GLN B 244 7.76 -52.84 -19.58
C GLN B 244 8.39 -54.00 -18.82
N ALA B 245 8.34 -53.97 -17.49
CA ALA B 245 8.90 -55.04 -16.66
C ALA B 245 7.88 -56.10 -16.27
N ASN B 246 6.73 -56.14 -16.95
CA ASN B 246 5.78 -57.19 -16.62
C ASN B 246 6.17 -58.49 -17.33
N PRO B 247 6.00 -59.64 -16.67
CA PRO B 247 6.35 -60.92 -17.31
C PRO B 247 5.32 -61.44 -18.28
N LEU B 248 4.10 -60.88 -18.30
CA LEU B 248 3.04 -61.35 -19.19
C LEU B 248 3.06 -60.62 -20.55
N THR B 249 4.20 -60.09 -20.95
CA THR B 249 4.34 -59.51 -22.28
C THR B 249 4.38 -60.62 -23.32
N ARG B 250 3.70 -60.39 -24.44
CA ARG B 250 3.40 -61.38 -25.50
C ARG B 250 2.75 -62.64 -24.94
N PRO B 253 -1.85 -60.50 -23.58
CA PRO B 253 -2.21 -59.10 -23.87
C PRO B 253 -2.54 -58.27 -22.62
N TYR B 254 -1.52 -57.93 -21.83
CA TYR B 254 -1.68 -57.06 -20.66
C TYR B 254 -1.31 -55.65 -21.09
N MET B 255 -2.30 -54.89 -21.53
CA MET B 255 -2.07 -53.53 -22.00
C MET B 255 -3.37 -52.72 -21.92
N ARG B 256 -3.22 -51.41 -21.84
CA ARG B 256 -4.34 -50.48 -21.89
C ARG B 256 -4.30 -49.72 -23.21
N LEU B 257 -5.46 -49.55 -23.82
CA LEU B 257 -5.60 -48.95 -25.15
C LEU B 257 -6.45 -47.69 -25.02
N LYS B 258 -5.78 -46.53 -24.93
CA LYS B 258 -6.48 -45.27 -24.73
C LYS B 258 -6.83 -44.65 -26.08
N LEU B 259 -8.09 -44.26 -26.22
CA LEU B 259 -8.60 -43.55 -27.39
C LEU B 259 -8.80 -42.08 -27.03
N THR B 260 -8.14 -41.20 -27.77
CA THR B 260 -8.26 -39.76 -27.55
C THR B 260 -8.67 -39.05 -28.83
N ALA B 261 -9.21 -37.86 -28.65
CA ALA B 261 -9.36 -36.94 -29.77
C ALA B 261 -7.98 -36.46 -30.22
N PRO B 262 -7.75 -36.31 -31.53
CA PRO B 262 -6.43 -35.88 -32.00
C PRO B 262 -6.10 -34.43 -31.65
N LEU B 263 -7.12 -33.58 -31.52
CA LEU B 263 -6.91 -32.16 -31.27
C LEU B 263 -7.98 -31.68 -30.30
N THR B 264 -7.61 -30.76 -29.41
CA THR B 264 -8.57 -30.05 -28.58
C THR B 264 -8.20 -28.57 -28.60
N ILE B 265 -9.18 -27.72 -28.87
CA ILE B 265 -8.99 -26.28 -28.92
C ILE B 265 -9.68 -25.65 -27.72
N GLU B 266 -8.92 -24.86 -26.96
CA GLU B 266 -9.40 -24.21 -25.74
C GLU B 266 -9.28 -22.70 -25.89
N ASN B 267 -10.33 -21.98 -25.48
CA ASN B 267 -10.39 -20.53 -25.57
C ASN B 267 -10.25 -19.94 -24.17
N LEU B 268 -9.12 -19.27 -23.93
CA LEU B 268 -8.92 -18.53 -22.69
C LEU B 268 -8.87 -17.02 -22.91
N LEU B 269 -9.32 -16.56 -24.07
CA LEU B 269 -9.51 -15.14 -24.30
C LEU B 269 -10.72 -14.63 -23.54
N PRO B 270 -10.80 -13.31 -23.26
CA PRO B 270 -12.04 -12.76 -22.68
C PRO B 270 -13.13 -12.44 -23.69
N TYR B 271 -13.01 -12.98 -24.91
CA TYR B 271 -14.04 -12.89 -25.93
C TYR B 271 -14.13 -14.22 -26.65
N ASP B 272 -15.32 -14.53 -27.15
CA ASP B 272 -15.53 -15.74 -27.95
C ASP B 272 -14.90 -15.55 -29.34
N PHE B 273 -14.67 -16.68 -30.03
CA PHE B 273 -14.27 -16.58 -31.43
C PHE B 273 -14.91 -17.68 -32.26
N LYS B 274 -15.07 -17.39 -33.55
CA LYS B 274 -15.34 -18.41 -34.55
C LYS B 274 -14.00 -18.84 -35.15
N TYR B 275 -13.74 -20.15 -35.15
CA TYR B 275 -12.48 -20.68 -35.65
C TYR B 275 -12.70 -21.53 -36.89
N LYS B 276 -11.62 -21.66 -37.66
CA LYS B 276 -11.60 -22.44 -38.89
C LYS B 276 -10.30 -23.21 -38.95
N ILE B 277 -10.40 -24.51 -39.20
CA ILE B 277 -9.25 -25.39 -39.32
C ILE B 277 -9.07 -25.73 -40.79
N TYR B 278 -7.89 -25.46 -41.32
CA TYR B 278 -7.52 -25.87 -42.66
C TYR B 278 -6.40 -26.90 -42.59
N ASP B 279 -6.21 -27.65 -43.67
CA ASP B 279 -5.12 -28.61 -43.71
C ASP B 279 -4.63 -28.76 -45.14
N ARG B 280 -3.35 -29.09 -45.27
CA ARG B 280 -2.72 -29.21 -46.58
C ARG B 280 -3.17 -30.49 -47.28
N VAL B 281 -2.94 -31.64 -46.63
CA VAL B 281 -3.48 -32.91 -47.18
C VAL B 281 -4.96 -32.97 -46.76
N ASN B 282 -5.70 -33.96 -47.27
CA ASN B 282 -7.14 -34.07 -46.96
C ASN B 282 -7.75 -32.67 -46.98
N LYS B 283 -7.36 -31.85 -47.97
CA LYS B 283 -7.89 -30.47 -48.09
C LYS B 283 -9.34 -30.45 -47.61
N GLN B 284 -9.58 -29.97 -46.39
CA GLN B 284 -10.95 -29.94 -45.81
C GLN B 284 -11.05 -28.81 -44.79
N GLU B 285 -11.74 -27.73 -45.14
CA GLU B 285 -11.95 -26.62 -44.18
C GLU B 285 -13.00 -27.07 -43.16
N TRP B 286 -12.88 -26.60 -41.91
CA TRP B 286 -13.84 -26.96 -40.88
C TRP B 286 -14.09 -25.75 -39.99
N ASN B 287 -15.31 -25.23 -40.01
CA ASN B 287 -15.67 -24.02 -39.28
C ASN B 287 -16.52 -24.39 -38.05
N ASN B 288 -16.25 -23.72 -36.93
CA ASN B 288 -17.02 -23.92 -35.70
C ASN B 288 -16.89 -22.67 -34.83
N PHE B 289 -17.61 -22.69 -33.70
CA PHE B 289 -17.66 -21.59 -32.74
C PHE B 289 -17.11 -22.07 -31.41
N LEU B 290 -16.48 -21.16 -30.66
CA LEU B 290 -15.97 -21.47 -29.33
C LEU B 290 -16.13 -20.26 -28.43
N ARG B 291 -16.89 -20.43 -27.36
CA ARG B 291 -17.16 -19.39 -26.37
C ARG B 291 -15.96 -19.21 -25.45
N LYS B 292 -16.02 -18.18 -24.61
CA LYS B 292 -14.95 -17.90 -23.68
C LYS B 292 -14.94 -18.94 -22.57
N GLY B 293 -13.73 -19.37 -22.19
CA GLY B 293 -13.59 -20.41 -21.18
C GLY B 293 -13.98 -21.79 -21.64
N GLY B 294 -14.12 -22.00 -22.95
CA GLY B 294 -14.63 -23.25 -23.48
C GLY B 294 -13.58 -24.07 -24.19
N SER B 295 -13.84 -25.38 -24.29
CA SER B 295 -12.90 -26.32 -24.85
C SER B 295 -13.67 -27.26 -25.76
N ILE B 296 -13.07 -27.66 -26.88
CA ILE B 296 -13.79 -28.48 -27.85
C ILE B 296 -12.84 -29.50 -28.48
N PRO B 297 -13.24 -30.77 -28.59
CA PRO B 297 -12.43 -31.75 -29.30
C PRO B 297 -12.74 -31.79 -30.79
N VAL B 298 -11.68 -31.94 -31.58
CA VAL B 298 -11.75 -32.01 -33.03
C VAL B 298 -11.36 -33.42 -33.45
N HIS B 299 -12.22 -34.06 -34.23
CA HIS B 299 -11.96 -35.40 -34.74
C HIS B 299 -11.85 -35.44 -36.26
N MET B 300 -11.82 -34.29 -36.92
CA MET B 300 -11.86 -34.25 -38.38
C MET B 300 -10.48 -34.16 -39.02
N VAL B 301 -9.41 -34.13 -38.22
CA VAL B 301 -8.05 -33.98 -38.73
C VAL B 301 -7.19 -35.14 -38.26
N ASP B 302 -6.13 -35.41 -39.02
CA ASP B 302 -5.16 -36.44 -38.71
C ASP B 302 -3.86 -35.79 -38.27
N LEU B 303 -3.19 -36.41 -37.28
CA LEU B 303 -1.93 -35.87 -36.78
C LEU B 303 -0.76 -36.09 -37.74
N SER B 304 -0.91 -36.96 -38.73
CA SER B 304 0.06 -37.05 -39.82
C SER B 304 -0.05 -35.87 -40.79
N HIS B 305 -1.17 -35.16 -40.79
CA HIS B 305 -1.37 -34.01 -41.64
C HIS B 305 -0.92 -32.73 -40.93
N THR B 306 -0.27 -31.86 -41.68
CA THR B 306 -0.02 -30.50 -41.20
C THR B 306 -1.33 -29.73 -41.26
N PHE B 307 -1.82 -29.26 -40.11
CA PHE B 307 -3.05 -28.47 -40.13
C PHE B 307 -2.90 -27.19 -39.32
N LEU B 308 -3.76 -26.23 -39.68
CA LEU B 308 -3.64 -24.83 -39.32
C LEU B 308 -4.94 -24.32 -38.72
N LEU B 309 -4.81 -23.37 -37.80
CA LEU B 309 -5.93 -22.74 -37.10
C LEU B 309 -6.01 -21.26 -37.44
N GLY B 310 -7.24 -20.78 -37.68
CA GLY B 310 -7.48 -19.36 -37.83
C GLY B 310 -8.70 -18.91 -37.04
N ILE B 311 -8.55 -17.85 -36.25
CA ILE B 311 -9.63 -17.40 -35.37
C ILE B 311 -10.14 -16.04 -35.84
N GLU B 312 -11.37 -15.72 -35.43
CA GLU B 312 -11.96 -14.40 -35.65
C GLU B 312 -12.87 -14.13 -34.46
N MET B 313 -12.52 -13.11 -33.68
CA MET B 313 -13.21 -12.82 -32.44
C MET B 313 -14.42 -11.92 -32.69
N GLN B 314 -15.58 -12.36 -32.21
CA GLN B 314 -16.76 -11.51 -32.23
C GLN B 314 -16.68 -10.47 -31.13
N ASP B 315 -17.52 -9.42 -31.26
CA ASP B 315 -17.66 -8.23 -30.38
C ASP B 315 -16.33 -7.59 -29.97
N THR B 316 -15.37 -7.61 -30.88
CA THR B 316 -14.06 -7.00 -30.73
C THR B 316 -13.84 -6.02 -31.87
N PRO B 317 -12.89 -5.07 -31.72
CA PRO B 317 -12.51 -4.24 -32.89
C PRO B 317 -11.39 -4.86 -33.72
N PHE B 318 -11.15 -6.17 -33.56
CA PHE B 318 -10.14 -6.88 -34.32
C PHE B 318 -10.78 -7.60 -35.50
N GLN B 319 -10.00 -7.71 -36.59
CA GLN B 319 -10.43 -8.42 -37.77
C GLN B 319 -10.08 -9.91 -37.64
N ALA B 320 -10.24 -10.67 -38.71
CA ALA B 320 -9.89 -12.08 -38.70
C ALA B 320 -8.38 -12.24 -38.75
N SER B 321 -7.91 -13.37 -38.22
CA SER B 321 -6.48 -13.63 -38.10
C SER B 321 -5.99 -14.45 -39.29
N GLU B 322 -4.68 -14.39 -39.51
CA GLU B 322 -4.06 -15.25 -40.50
C GLU B 322 -3.91 -16.66 -39.93
N PHE B 323 -3.67 -17.62 -40.82
CA PHE B 323 -3.57 -19.01 -40.41
C PHE B 323 -2.18 -19.28 -39.85
N VAL B 324 -2.14 -19.91 -38.68
CA VAL B 324 -0.89 -20.28 -38.02
C VAL B 324 -0.82 -21.79 -37.90
N VAL B 325 0.40 -22.32 -37.85
CA VAL B 325 0.62 -23.76 -37.91
C VAL B 325 0.46 -24.34 -36.51
N ILE B 326 -0.58 -25.13 -36.30
CA ILE B 326 -0.79 -25.78 -35.01
C ILE B 326 -0.39 -27.25 -35.01
N ASN B 327 -0.21 -27.87 -36.19
CA ASN B 327 0.36 -29.22 -36.21
C ASN B 327 1.17 -29.42 -37.47
N THR B 328 2.42 -29.83 -37.29
CA THR B 328 3.26 -30.22 -38.41
C THR B 328 3.01 -31.68 -38.77
N GLY B 329 3.30 -32.02 -40.03
CA GLY B 329 3.14 -33.36 -40.52
C GLY B 329 4.43 -34.16 -40.38
N ASN B 330 4.35 -35.43 -40.80
CA ASN B 330 5.54 -36.27 -40.84
C ASN B 330 6.42 -35.90 -42.01
N ALA B 331 5.83 -35.62 -43.17
CA ALA B 331 6.56 -35.28 -44.37
C ALA B 331 6.79 -33.78 -44.53
N ASP B 332 6.20 -32.95 -43.68
CA ASP B 332 6.37 -31.52 -43.75
C ASP B 332 7.31 -31.05 -42.65
N ASP B 333 7.83 -29.83 -42.81
CA ASP B 333 8.80 -29.29 -41.86
C ASP B 333 8.40 -27.90 -41.35
N PHE B 334 7.11 -27.57 -41.38
CA PHE B 334 6.64 -26.29 -40.86
C PHE B 334 6.78 -26.24 -39.35
N LYS B 335 7.30 -25.13 -38.84
CA LYS B 335 7.45 -24.98 -37.40
C LYS B 335 6.08 -24.71 -36.77
N LYS B 336 5.84 -25.30 -35.60
CA LYS B 336 4.61 -25.05 -34.86
C LYS B 336 4.63 -23.62 -34.33
N ASP B 337 3.58 -22.86 -34.66
CA ASP B 337 3.51 -21.46 -34.26
C ASP B 337 3.18 -21.35 -32.78
N SER B 338 4.04 -20.67 -32.03
CA SER B 338 3.80 -20.39 -30.62
C SER B 338 3.04 -19.09 -30.41
N HIS B 339 2.75 -18.35 -31.48
CA HIS B 339 2.03 -17.09 -31.40
C HIS B 339 0.97 -17.04 -32.50
N LEU B 340 0.04 -16.10 -32.31
CA LEU B 340 -1.05 -15.89 -33.30
C LEU B 340 -1.32 -14.38 -33.32
N VAL B 341 -1.20 -13.75 -34.48
CA VAL B 341 -1.34 -12.29 -34.58
C VAL B 341 -2.73 -11.97 -35.10
N VAL B 342 -3.46 -11.14 -34.36
CA VAL B 342 -4.69 -10.53 -34.86
C VAL B 342 -4.41 -9.06 -35.15
N LYS B 343 -5.08 -8.54 -36.18
CA LYS B 343 -4.96 -7.15 -36.58
C LYS B 343 -6.30 -6.47 -36.47
N ASP B 344 -6.31 -5.23 -36.02
CA ASP B 344 -7.55 -4.49 -35.81
C ASP B 344 -7.99 -3.82 -37.12
N ASN B 345 -8.98 -2.95 -37.03
CA ASN B 345 -9.46 -2.22 -38.19
C ASN B 345 -8.54 -1.08 -38.60
N ALA B 346 -7.54 -0.75 -37.77
CA ALA B 346 -6.58 0.30 -38.10
C ALA B 346 -5.21 -0.22 -38.47
N GLY B 347 -4.89 -1.48 -38.20
CA GLY B 347 -3.62 -2.06 -38.59
C GLY B 347 -2.65 -2.34 -37.45
N MET B 348 -3.06 -2.14 -36.21
CA MET B 348 -2.17 -2.42 -35.09
C MET B 348 -2.24 -3.90 -34.71
N PRO B 349 -1.11 -4.54 -34.44
CA PRO B 349 -1.11 -5.97 -34.14
C PRO B 349 -1.28 -6.29 -32.65
N LEU B 350 -1.80 -7.50 -32.41
CA LEU B 350 -1.89 -8.08 -31.08
C LEU B 350 -1.43 -9.53 -31.16
N ASN B 351 -0.48 -9.88 -30.31
CA ASN B 351 0.24 -11.16 -30.38
C ASN B 351 -0.33 -12.08 -29.30
N LEU B 352 -1.42 -12.78 -29.64
CA LEU B 352 -1.93 -13.83 -28.76
C LEU B 352 -0.97 -15.00 -28.74
N ARG B 353 -0.98 -15.76 -27.65
CA ARG B 353 -0.08 -16.89 -27.51
C ARG B 353 -0.85 -18.20 -27.59
N LEU B 354 -0.13 -19.24 -28.01
CA LEU B 354 -0.66 -20.59 -28.18
C LEU B 354 0.09 -21.53 -27.25
N HIS B 355 -0.61 -22.07 -26.26
CA HIS B 355 -0.03 -23.04 -25.34
C HIS B 355 -0.37 -24.45 -25.80
N TYR B 356 0.63 -25.30 -25.94
CA TYR B 356 0.44 -26.68 -26.34
C TYR B 356 0.63 -27.60 -25.14
N PHE B 357 -0.32 -28.51 -24.93
CA PHE B 357 -0.24 -29.49 -23.86
C PHE B 357 -0.46 -30.87 -24.48
N ARG B 358 0.58 -31.71 -24.45
CA ARG B 358 0.44 -33.08 -24.94
C ARG B 358 -0.33 -33.90 -23.93
N ILE B 359 -1.32 -34.65 -24.41
CA ILE B 359 -2.13 -35.49 -23.53
C ILE B 359 -1.28 -36.67 -23.05
N PRO B 360 -1.18 -36.88 -21.73
CA PRO B 360 -0.33 -37.98 -21.21
C PRO B 360 -0.92 -39.33 -21.55
N ASP B 361 -0.05 -40.21 -22.07
CA ASP B 361 -0.39 -41.53 -22.65
C ASP B 361 -1.39 -41.42 -23.80
N GLY B 362 -1.37 -40.31 -24.55
CA GLY B 362 -2.27 -40.12 -25.65
C GLY B 362 -1.66 -40.47 -27.00
N GLY B 363 -0.36 -40.76 -27.01
CA GLY B 363 0.32 -41.06 -28.24
C GLY B 363 0.63 -39.85 -29.11
N GLY B 364 0.64 -38.66 -28.53
CA GLY B 364 0.94 -37.46 -29.29
C GLY B 364 -0.25 -36.58 -29.58
N SER B 365 -1.46 -36.98 -29.18
CA SER B 365 -2.59 -36.07 -29.24
C SER B 365 -2.40 -34.94 -28.22
N PHE B 366 -2.89 -33.77 -28.57
CA PHE B 366 -2.56 -32.57 -27.81
C PHE B 366 -3.76 -31.64 -27.74
N LYS B 367 -3.62 -30.65 -26.85
CA LYS B 367 -4.57 -29.55 -26.70
C LYS B 367 -3.84 -28.25 -27.00
N VAL B 368 -4.39 -27.46 -27.91
CA VAL B 368 -3.88 -26.11 -28.19
C VAL B 368 -4.79 -25.11 -27.48
N THR B 369 -4.20 -24.04 -26.95
CA THR B 369 -4.93 -23.07 -26.14
C THR B 369 -4.56 -21.67 -26.59
N VAL B 370 -5.54 -20.92 -27.08
CA VAL B 370 -5.35 -19.55 -27.50
C VAL B 370 -5.59 -18.66 -26.29
N TYR B 371 -4.59 -17.89 -25.87
CA TYR B 371 -4.77 -17.01 -24.73
C TYR B 371 -4.11 -15.66 -25.00
N SER B 372 -4.59 -14.65 -24.27
CA SER B 372 -3.97 -13.34 -24.34
C SER B 372 -2.95 -13.21 -23.22
N PRO B 373 -1.76 -12.66 -23.51
CA PRO B 373 -0.73 -12.59 -22.47
C PRO B 373 -1.03 -11.55 -21.41
N TYR B 374 -1.73 -10.46 -21.75
CA TYR B 374 -2.20 -9.52 -20.75
C TYR B 374 -3.65 -9.19 -21.00
N VAL B 375 -4.44 -9.10 -19.92
CA VAL B 375 -5.81 -8.60 -19.97
C VAL B 375 -5.89 -7.42 -19.01
N ILE B 376 -6.12 -6.22 -19.55
CA ILE B 376 -6.21 -5.00 -18.77
C ILE B 376 -7.68 -4.69 -18.52
N LEU B 377 -8.06 -4.65 -17.25
CA LEU B 377 -9.41 -4.28 -16.85
C LEU B 377 -9.42 -2.82 -16.43
N ASN B 378 -10.17 -2.00 -17.17
CA ASN B 378 -10.31 -0.59 -16.84
C ASN B 378 -11.50 -0.45 -15.89
N LYS B 379 -11.21 -0.37 -14.59
CA LYS B 379 -12.22 -0.17 -13.57
C LYS B 379 -12.13 1.22 -12.94
N THR B 380 -11.57 2.19 -13.67
CA THR B 380 -11.37 3.54 -13.14
C THR B 380 -12.58 4.44 -13.32
N GLY B 381 -13.35 4.26 -14.38
CA GLY B 381 -14.39 5.19 -14.73
C GLY B 381 -13.95 6.30 -15.66
N LEU B 382 -12.66 6.37 -15.97
CA LEU B 382 -12.10 7.32 -16.91
C LEU B 382 -11.72 6.61 -18.20
N ASP B 383 -11.57 7.37 -19.28
CA ASP B 383 -11.03 6.82 -20.51
C ASP B 383 -9.52 6.67 -20.38
N VAL B 384 -9.02 5.47 -20.66
CA VAL B 384 -7.63 5.09 -20.38
C VAL B 384 -6.98 4.67 -21.69
N SER B 385 -5.78 5.20 -21.96
CA SER B 385 -4.94 4.75 -23.05
C SER B 385 -3.68 4.08 -22.50
N VAL B 386 -3.25 3.00 -23.16
CA VAL B 386 -2.07 2.24 -22.78
C VAL B 386 -1.09 2.24 -23.95
N ARG B 387 0.18 2.55 -23.66
CA ARG B 387 1.25 2.45 -24.63
C ARG B 387 2.28 1.43 -24.14
N SER B 388 3.01 0.83 -25.07
CA SER B 388 3.99 -0.22 -24.76
C SER B 388 5.38 0.21 -25.20
N LYS B 389 6.28 0.36 -24.24
CA LYS B 389 7.66 0.76 -24.54
C LYS B 389 8.63 -0.40 -24.33
N ARG B 396 4.82 1.18 -29.07
CA ARG B 396 3.71 1.85 -29.74
C ARG B 396 2.45 1.83 -28.85
N ALA B 397 1.36 2.37 -29.38
CA ALA B 397 0.09 2.34 -28.66
C ALA B 397 -0.50 0.94 -28.70
N ALA B 398 -1.43 0.67 -27.78
CA ALA B 398 -2.04 -0.64 -27.69
C ALA B 398 -3.08 -0.83 -28.78
N ALA B 399 -3.25 -2.08 -29.20
CA ALA B 399 -4.17 -2.41 -30.28
C ALA B 399 -5.57 -2.66 -29.72
N GLY B 400 -6.58 -2.22 -30.50
CA GLY B 400 -7.95 -2.51 -30.16
C GLY B 400 -8.51 -1.70 -29.02
N GLN B 401 -8.00 -0.50 -28.80
CA GLN B 401 -8.48 0.35 -27.72
C GLN B 401 -9.81 1.01 -28.07
N ALA B 414 -16.72 -0.63 -19.10
CA ALA B 414 -15.54 -0.87 -19.93
C ALA B 414 -15.22 -2.34 -20.17
N ARG B 415 -15.16 -2.72 -21.44
CA ARG B 415 -14.82 -4.08 -21.83
C ARG B 415 -13.33 -4.33 -21.55
N PRO B 416 -12.95 -5.59 -21.28
CA PRO B 416 -11.53 -5.87 -21.02
C PRO B 416 -10.68 -5.77 -22.28
N LEU B 417 -9.47 -5.24 -22.12
CA LEU B 417 -8.59 -4.91 -23.22
C LEU B 417 -7.46 -5.92 -23.27
N MET B 418 -7.37 -6.67 -24.38
CA MET B 418 -6.29 -7.61 -24.56
C MET B 418 -5.02 -6.85 -24.96
N PHE B 419 -3.90 -7.23 -24.38
CA PHE B 419 -2.66 -6.49 -24.51
C PHE B 419 -1.49 -7.43 -24.63
N SER B 420 -0.58 -7.09 -25.55
CA SER B 420 0.68 -7.82 -25.73
C SER B 420 1.79 -6.81 -26.01
N PHE B 421 3.02 -7.28 -25.88
CA PHE B 421 4.19 -6.49 -26.26
C PHE B 421 4.65 -6.92 -27.65
N HIS B 422 5.61 -6.17 -28.19
CA HIS B 422 6.18 -6.52 -29.48
C HIS B 422 7.12 -7.72 -29.39
N ASN B 423 7.65 -8.00 -28.20
CA ASN B 423 8.58 -9.11 -28.00
C ASN B 423 8.43 -9.60 -26.57
N ASP B 424 9.29 -10.54 -26.17
CA ASP B 424 9.19 -11.16 -24.85
C ASP B 424 10.41 -10.85 -23.99
N ASP B 425 10.64 -9.58 -23.68
CA ASP B 425 11.69 -9.15 -22.77
C ASP B 425 11.05 -8.69 -21.47
N HIS B 426 11.72 -8.96 -20.36
CA HIS B 426 11.24 -8.49 -19.06
C HIS B 426 11.52 -7.01 -18.83
N ARG B 427 12.36 -6.39 -19.66
CA ARG B 427 12.60 -4.96 -19.60
C ARG B 427 11.51 -4.15 -20.29
N ASN B 428 10.56 -4.80 -20.96
CA ASN B 428 9.46 -4.10 -21.59
C ASN B 428 8.50 -3.56 -20.53
N ARG B 429 8.10 -2.30 -20.70
CA ARG B 429 7.23 -1.62 -19.75
C ARG B 429 6.04 -1.03 -20.50
N ALA B 430 5.10 -0.48 -19.74
CA ALA B 430 3.93 0.17 -20.32
C ALA B 430 3.70 1.52 -19.66
N LEU B 431 3.01 2.39 -20.39
CA LEU B 431 2.66 3.73 -19.93
C LEU B 431 1.14 3.89 -19.97
N LEU B 432 0.60 4.49 -18.91
CA LEU B 432 -0.84 4.70 -18.77
C LEU B 432 -1.18 6.17 -18.87
N LYS B 433 -2.33 6.47 -19.47
CA LYS B 433 -2.88 7.81 -19.49
C LYS B 433 -4.36 7.71 -19.16
N ALA B 434 -4.83 8.58 -18.26
CA ALA B 434 -6.22 8.57 -17.80
C ALA B 434 -6.78 9.97 -17.91
N GLY B 435 -7.68 10.17 -18.87
CA GLY B 435 -8.36 11.45 -19.01
C GLY B 435 -7.44 12.51 -19.58
N ASP B 436 -7.44 13.68 -18.94
CA ASP B 436 -6.62 14.82 -19.35
C ASP B 436 -5.30 14.89 -18.60
N SER B 437 -4.66 13.74 -18.37
CA SER B 437 -3.42 13.69 -17.63
C SER B 437 -2.25 13.42 -18.57
N GLU B 438 -1.05 13.61 -18.04
CA GLU B 438 0.17 13.27 -18.77
C GLU B 438 0.40 11.76 -18.71
N TRP B 439 1.37 11.29 -19.49
CA TRP B 439 1.69 9.88 -19.48
C TRP B 439 2.45 9.51 -18.21
N SER B 440 2.32 8.26 -17.81
CA SER B 440 2.83 7.81 -16.53
C SER B 440 4.31 7.48 -16.61
N LYS B 441 4.88 7.11 -15.46
CA LYS B 441 6.17 6.45 -15.40
C LYS B 441 6.06 5.04 -16.03
N PRO B 442 7.19 4.44 -16.45
CA PRO B 442 7.14 3.05 -16.94
C PRO B 442 6.70 2.07 -15.86
N GLN B 443 5.63 1.34 -16.17
CA GLN B 443 5.00 0.40 -15.25
C GLN B 443 5.23 -1.03 -15.74
N SER B 444 5.39 -1.93 -14.78
CA SER B 444 5.61 -3.34 -15.07
C SER B 444 4.27 -4.08 -15.04
N PHE B 445 3.99 -4.82 -16.10
CA PHE B 445 2.83 -5.70 -16.12
C PHE B 445 3.28 -7.13 -15.81
N ASP B 446 4.57 -7.34 -15.58
CA ASP B 446 5.09 -8.65 -15.19
C ASP B 446 5.20 -8.89 -13.69
N ALA B 447 5.02 -7.84 -12.89
CA ALA B 447 5.09 -7.96 -11.42
C ALA B 447 3.91 -8.71 -10.83
N ILE B 448 4.04 -10.03 -10.74
CA ILE B 448 2.96 -10.91 -10.30
C ILE B 448 2.68 -10.70 -8.83
N GLY B 449 1.42 -10.40 -8.51
CA GLY B 449 1.02 -10.16 -7.14
C GLY B 449 1.55 -8.84 -6.62
N SER B 450 1.17 -7.73 -7.27
CA SER B 450 1.64 -6.44 -6.82
C SER B 450 0.54 -5.40 -6.92
N THR B 451 0.53 -4.48 -5.97
CA THR B 451 -0.34 -3.32 -5.98
C THR B 451 0.54 -2.08 -5.89
N THR B 452 0.51 -1.24 -6.92
CA THR B 452 1.27 0.00 -6.92
C THR B 452 0.32 1.20 -7.06
N GLU B 453 0.79 2.35 -6.57
CA GLU B 453 0.07 3.61 -6.70
C GLU B 453 0.72 4.45 -7.79
N VAL B 454 -0.07 4.90 -8.75
CA VAL B 454 0.40 5.67 -9.89
C VAL B 454 -0.23 7.05 -9.85
N VAL B 455 0.59 8.08 -9.76
CA VAL B 455 0.14 9.46 -9.65
C VAL B 455 0.40 10.15 -10.97
N LEU B 456 -0.64 10.76 -11.54
CA LEU B 456 -0.58 11.39 -12.86
C LEU B 456 -0.80 12.89 -12.71
N GLN B 457 0.18 13.68 -13.13
CA GLN B 457 0.00 15.12 -13.18
C GLN B 457 -0.91 15.45 -14.37
N THR B 458 -1.98 16.21 -14.10
CA THR B 458 -2.94 16.57 -15.13
C THR B 458 -2.41 17.73 -15.98
N ALA B 459 -3.01 17.90 -17.15
CA ALA B 459 -2.54 18.88 -18.12
C ALA B 459 -2.95 20.28 -17.69
N ASN B 460 -1.96 21.16 -17.52
CA ASN B 460 -2.06 22.60 -17.30
C ASN B 460 -2.71 22.97 -15.96
N ARG B 461 -3.00 22.01 -15.08
CA ARG B 461 -3.57 22.28 -13.76
C ARG B 461 -2.81 21.51 -12.70
N ASN B 462 -2.89 21.99 -11.46
CA ASN B 462 -2.15 21.44 -10.33
C ASN B 462 -2.93 20.39 -9.55
N ALA B 463 -3.80 19.64 -10.21
CA ALA B 463 -4.43 18.47 -9.64
C ALA B 463 -3.77 17.21 -10.17
N GLU B 464 -3.83 16.14 -9.38
CA GLU B 464 -3.30 14.86 -9.80
C GLU B 464 -4.41 13.81 -9.79
N ILE B 465 -4.24 12.80 -10.66
CA ILE B 465 -5.11 11.63 -10.69
C ILE B 465 -4.36 10.48 -10.04
N HIS B 466 -4.96 9.86 -9.04
CA HIS B 466 -4.33 8.79 -8.28
C HIS B 466 -4.98 7.47 -8.64
N LEU B 467 -4.19 6.54 -9.18
CA LEU B 467 -4.68 5.25 -9.62
C LEU B 467 -3.99 4.13 -8.86
N GLY B 468 -4.70 3.01 -8.73
CA GLY B 468 -4.13 1.78 -8.18
C GLY B 468 -4.03 0.71 -9.24
N VAL B 469 -2.83 0.17 -9.43
CA VAL B 469 -2.57 -0.86 -10.44
C VAL B 469 -2.28 -2.16 -9.73
N THR B 470 -3.13 -3.16 -9.96
CA THR B 470 -2.98 -4.48 -9.36
C THR B 470 -2.68 -5.50 -10.46
N VAL B 471 -1.54 -6.19 -10.35
CA VAL B 471 -1.15 -7.21 -11.31
C VAL B 471 -1.13 -8.57 -10.61
N ASP B 472 -1.95 -9.50 -11.11
CA ASP B 472 -2.08 -10.86 -10.59
C ASP B 472 -2.04 -11.86 -11.73
N SER B 473 -1.93 -13.13 -11.38
CA SER B 473 -2.19 -14.19 -12.34
C SER B 473 -3.65 -14.61 -12.27
N GLY B 474 -4.13 -15.23 -13.36
CA GLY B 474 -5.51 -15.65 -13.41
C GLY B 474 -5.80 -16.84 -12.51
N GLN B 475 -7.08 -17.03 -12.24
CA GLN B 475 -7.54 -18.05 -11.30
C GLN B 475 -7.87 -19.34 -12.03
N GLY B 476 -7.38 -20.45 -11.50
CA GLY B 476 -7.64 -21.76 -12.08
C GLY B 476 -6.89 -22.01 -13.38
N LYS B 477 -7.64 -22.27 -14.46
CA LYS B 477 -7.05 -22.57 -15.75
C LYS B 477 -6.49 -21.34 -16.46
N TYR B 478 -6.75 -20.13 -15.96
CA TYR B 478 -6.25 -18.89 -16.55
C TYR B 478 -4.89 -18.47 -15.99
N LYS B 479 -4.13 -19.41 -15.43
CA LYS B 479 -2.91 -19.06 -14.69
C LYS B 479 -1.78 -18.52 -15.58
N MET B 480 -1.85 -18.74 -16.88
CA MET B 480 -0.85 -18.21 -17.80
C MET B 480 -1.16 -16.79 -18.23
N VAL B 481 -2.32 -16.25 -17.88
CA VAL B 481 -2.74 -14.90 -18.25
C VAL B 481 -2.42 -13.96 -17.11
N LYS B 482 -1.73 -12.87 -17.42
CA LYS B 482 -1.44 -11.83 -16.45
C LYS B 482 -2.56 -10.79 -16.49
N VAL B 483 -3.24 -10.61 -15.37
CA VAL B 483 -4.40 -9.73 -15.27
C VAL B 483 -3.97 -8.43 -14.59
N VAL B 484 -4.20 -7.31 -15.27
CA VAL B 484 -3.81 -5.98 -14.80
C VAL B 484 -5.06 -5.14 -14.57
N THR B 485 -5.43 -4.95 -13.30
CA THR B 485 -6.57 -4.12 -12.94
C THR B 485 -6.09 -2.69 -12.73
N LEU B 486 -6.69 -1.76 -13.47
CA LEU B 486 -6.55 -0.33 -13.21
C LEU B 486 -7.80 0.14 -12.47
N ALA B 487 -7.58 0.70 -11.28
CA ALA B 487 -8.64 1.09 -10.37
C ALA B 487 -8.36 2.51 -9.89
N PRO B 488 -9.37 3.20 -9.35
CA PRO B 488 -9.05 4.42 -8.59
C PRO B 488 -8.34 4.06 -7.30
N ARG B 489 -7.49 4.99 -6.85
CA ARG B 489 -6.84 4.79 -5.56
C ARG B 489 -7.80 5.01 -4.40
N TYR B 490 -8.73 5.97 -4.55
CA TYR B 490 -9.69 6.29 -3.51
C TYR B 490 -11.10 6.27 -4.07
N VAL B 491 -12.02 5.61 -3.37
CA VAL B 491 -13.44 5.56 -3.68
C VAL B 491 -14.20 5.90 -2.41
N ILE B 492 -15.17 6.80 -2.50
CA ILE B 492 -15.99 7.18 -1.36
C ILE B 492 -17.40 6.61 -1.58
N HIS B 493 -18.05 6.21 -0.48
CA HIS B 493 -19.38 5.59 -0.53
C HIS B 493 -20.28 6.21 0.54
N ASN B 494 -21.44 6.69 0.09
CA ASN B 494 -22.40 7.38 0.94
C ASN B 494 -23.45 6.40 1.43
N LYS B 495 -23.52 6.21 2.74
CA LYS B 495 -24.58 5.43 3.39
C LYS B 495 -25.16 6.20 4.58
N LEU B 496 -25.14 7.53 4.49
CA LEU B 496 -25.64 8.38 5.57
C LEU B 496 -27.16 8.47 5.60
N GLY B 497 -27.83 8.23 4.47
CA GLY B 497 -29.24 8.42 4.35
C GLY B 497 -29.64 9.70 3.64
N GLU B 498 -28.77 10.70 3.69
CA GLU B 498 -28.98 11.98 3.03
C GLU B 498 -27.87 12.21 2.01
N ASP B 499 -28.07 13.21 1.16
CA ASP B 499 -27.01 13.64 0.26
C ASP B 499 -25.96 14.43 1.04
N ILE B 500 -24.72 14.40 0.55
CA ILE B 500 -23.59 15.05 1.22
C ILE B 500 -22.75 15.76 0.17
N ASN B 501 -21.92 16.70 0.62
CA ASN B 501 -20.94 17.37 -0.23
C ASN B 501 -19.56 17.16 0.36
N ILE B 502 -18.59 16.85 -0.49
CA ILE B 502 -17.23 16.54 -0.06
C ILE B 502 -16.28 17.59 -0.64
N ARG B 503 -15.17 17.82 0.06
CA ARG B 503 -14.24 18.87 -0.35
C ARG B 503 -12.87 18.59 0.23
N GLU B 504 -11.83 18.80 -0.57
CA GLU B 504 -10.51 18.74 0.03
C GLU B 504 -10.28 20.05 0.79
N PRO B 505 -9.66 20.00 1.99
CA PRO B 505 -9.59 21.21 2.82
C PRO B 505 -8.66 22.29 2.30
N SER B 506 -7.71 21.95 1.43
CA SER B 506 -6.89 22.95 0.76
C SER B 506 -7.50 23.39 -0.58
N SER B 507 -8.79 23.15 -0.78
CA SER B 507 -9.45 23.44 -2.05
C SER B 507 -10.81 24.04 -1.76
N SER B 508 -11.22 24.99 -2.61
CA SER B 508 -12.54 25.60 -2.52
C SER B 508 -13.56 24.87 -3.37
N PHE B 509 -13.15 23.83 -4.09
CA PHE B 509 -14.01 23.15 -5.04
C PHE B 509 -14.63 21.94 -4.36
N TRP B 510 -15.95 21.95 -4.23
CA TRP B 510 -16.66 20.86 -3.57
C TRP B 510 -17.45 20.05 -4.59
N ILE B 511 -17.61 18.78 -4.27
CA ILE B 511 -18.19 17.77 -5.15
C ILE B 511 -19.45 17.24 -4.45
N PRO B 512 -20.58 17.14 -5.14
CA PRO B 512 -21.75 16.51 -4.51
C PRO B 512 -21.60 14.99 -4.45
N LEU B 513 -22.45 14.38 -3.63
CA LEU B 513 -22.45 12.92 -3.46
C LEU B 513 -23.84 12.50 -3.00
N LYS B 514 -24.59 11.86 -3.89
CA LYS B 514 -25.94 11.40 -3.58
C LYS B 514 -25.90 10.24 -2.59
N HIS B 515 -27.06 9.97 -1.99
CA HIS B 515 -27.16 8.89 -1.03
C HIS B 515 -27.17 7.55 -1.77
N GLY B 516 -26.37 6.61 -1.27
CA GLY B 516 -26.26 5.31 -1.91
C GLY B 516 -25.40 5.29 -3.15
N ALA B 517 -24.43 6.21 -3.25
CA ALA B 517 -23.64 6.38 -4.45
C ALA B 517 -22.17 6.16 -4.14
N HIS B 518 -21.52 5.32 -4.94
CA HIS B 518 -20.08 5.22 -4.97
C HIS B 518 -19.51 6.26 -5.92
N ARG B 519 -18.35 6.80 -5.56
CA ARG B 519 -17.75 7.82 -6.40
C ARG B 519 -16.23 7.77 -6.28
N PRO B 520 -15.50 7.72 -7.41
CA PRO B 520 -14.04 7.75 -7.33
C PRO B 520 -13.52 9.16 -7.04
N LEU B 521 -12.50 9.23 -6.19
CA LEU B 521 -11.81 10.48 -5.90
C LEU B 521 -10.58 10.56 -6.80
N HIS B 522 -10.83 10.92 -8.06
CA HIS B 522 -9.77 10.99 -9.05
C HIS B 522 -8.85 12.17 -8.81
N TRP B 523 -9.36 13.39 -9.00
CA TRP B 523 -8.54 14.58 -8.89
C TRP B 523 -8.34 14.94 -7.43
N LEU B 524 -7.07 15.16 -7.05
CA LEU B 524 -6.68 15.52 -5.70
C LEU B 524 -5.64 16.63 -5.76
N GLN B 525 -5.61 17.45 -4.71
CA GLN B 525 -4.55 18.44 -4.59
C GLN B 525 -3.25 17.78 -4.14
N ARG B 526 -2.13 18.41 -4.47
CA ARG B 526 -0.83 17.87 -4.11
C ARG B 526 -0.57 18.03 -2.62
N GLY B 527 0.20 17.10 -2.06
CA GLY B 527 0.48 17.06 -0.64
C GLY B 527 0.55 15.62 -0.19
N ALA B 528 1.33 15.39 0.87
CA ALA B 528 1.56 14.03 1.34
C ALA B 528 0.38 13.47 2.14
N VAL B 529 -0.45 14.34 2.71
CA VAL B 529 -1.58 13.92 3.53
C VAL B 529 -2.84 14.36 2.79
N LYS B 530 -3.52 13.42 2.16
CA LYS B 530 -4.79 13.70 1.49
C LYS B 530 -5.91 13.70 2.51
N GLN B 531 -6.74 14.75 2.49
CA GLN B 531 -7.81 14.90 3.48
C GLN B 531 -9.14 15.26 2.80
N LEU B 532 -10.21 15.17 3.60
CA LEU B 532 -11.56 15.42 3.12
C LEU B 532 -12.41 16.07 4.21
N CYS B 533 -13.43 16.79 3.74
CA CYS B 533 -14.41 17.45 4.59
C CYS B 533 -15.80 17.19 4.02
N LEU B 534 -16.78 17.06 4.91
CA LEU B 534 -18.16 16.81 4.53
C LEU B 534 -19.04 17.98 4.96
N CYS B 535 -20.14 18.19 4.22
CA CYS B 535 -21.12 19.20 4.61
C CYS B 535 -22.48 18.84 4.04
N TYR B 536 -23.52 19.19 4.79
CA TYR B 536 -24.88 19.04 4.29
C TYR B 536 -25.14 20.08 3.21
N PRO B 537 -25.87 19.74 2.14
CA PRO B 537 -26.08 20.68 1.04
C PRO B 537 -26.96 21.87 1.43
N GLY B 538 -26.66 23.00 0.83
CA GLY B 538 -27.30 24.26 1.16
C GLY B 538 -26.34 25.18 1.89
N VAL B 539 -26.54 26.48 1.70
CA VAL B 539 -25.67 27.49 2.30
C VAL B 539 -26.00 27.64 3.77
N ASP B 540 -25.14 28.40 4.49
CA ASP B 540 -25.15 28.60 5.95
C ASP B 540 -24.97 27.30 6.73
N ASN B 541 -24.42 26.25 6.12
CA ASN B 541 -24.03 25.02 6.80
C ASN B 541 -22.52 24.91 6.83
N GLN B 542 -21.98 24.49 7.97
CA GLN B 542 -20.55 24.51 8.19
C GLN B 542 -19.91 23.18 7.80
N TRP B 543 -18.65 23.25 7.39
CA TRP B 543 -17.89 22.07 7.02
C TRP B 543 -17.39 21.37 8.28
N THR B 544 -17.00 20.11 8.12
CA THR B 544 -16.48 19.35 9.25
C THR B 544 -14.98 19.56 9.37
N ALA B 545 -14.39 18.95 10.39
CA ALA B 545 -12.94 18.86 10.49
C ALA B 545 -12.40 18.00 9.35
N PRO B 546 -11.19 18.29 8.88
CA PRO B 546 -10.55 17.36 7.94
C PRO B 546 -10.19 16.04 8.61
N PHE B 547 -10.24 14.97 7.83
CA PHE B 547 -9.80 13.65 8.27
C PHE B 547 -8.89 13.06 7.21
N ASN B 548 -7.86 12.35 7.65
CA ASN B 548 -6.91 11.74 6.73
C ASN B 548 -7.55 10.53 6.04
N ILE B 549 -7.64 10.59 4.71
CA ILE B 549 -8.28 9.50 3.96
C ILE B 549 -7.34 8.36 3.66
N SER B 550 -6.07 8.43 4.06
CA SER B 550 -5.11 7.35 3.88
C SER B 550 -4.87 6.56 5.16
N ASP B 551 -5.50 6.94 6.26
CA ASP B 551 -5.31 6.25 7.53
C ASP B 551 -6.39 5.17 7.66
N LEU B 552 -5.98 3.91 7.58
CA LEU B 552 -6.91 2.79 7.59
C LEU B 552 -7.49 2.57 8.97
N GLY B 553 -8.81 2.34 9.03
CA GLY B 553 -9.47 2.06 10.30
C GLY B 553 -10.85 2.67 10.45
N ILE B 554 -11.17 3.11 11.66
CA ILE B 554 -12.47 3.70 11.99
C ILE B 554 -12.21 5.11 12.51
N THR B 555 -12.87 6.10 11.91
CA THR B 555 -12.72 7.50 12.29
C THR B 555 -14.09 8.13 12.51
N HIS B 556 -14.30 8.73 13.68
CA HIS B 556 -15.56 9.41 13.95
C HIS B 556 -15.45 10.90 13.59
N LEU B 557 -16.52 11.42 13.00
CA LEU B 557 -16.54 12.80 12.54
C LEU B 557 -17.85 13.45 12.94
N LYS B 558 -17.78 14.65 13.52
CA LYS B 558 -18.98 15.34 13.98
C LYS B 558 -19.52 16.25 12.89
N ILE B 559 -20.84 16.20 12.65
CA ILE B 559 -21.47 17.05 11.65
C ILE B 559 -22.74 17.62 12.27
N ALA B 560 -23.18 18.78 11.76
CA ALA B 560 -24.39 19.43 12.23
C ALA B 560 -24.91 20.35 11.13
N ARG B 561 -26.23 20.51 11.10
CA ARG B 561 -26.85 21.50 10.25
C ARG B 561 -26.89 22.85 10.99
N ALA B 562 -27.46 23.87 10.35
CA ALA B 562 -27.50 25.20 10.92
C ALA B 562 -28.51 25.26 12.05
N GLY B 563 -28.03 25.59 13.26
CA GLY B 563 -28.91 25.70 14.41
C GLY B 563 -29.42 24.38 14.94
N GLN B 564 -28.80 23.28 14.56
CA GLN B 564 -29.25 21.95 14.95
C GLN B 564 -28.14 21.26 15.75
N ARG B 565 -28.49 20.14 16.38
CA ARG B 565 -27.55 19.41 17.20
C ARG B 565 -26.59 18.61 16.34
N GLN B 566 -25.58 18.03 16.99
CA GLN B 566 -24.53 17.31 16.28
C GLN B 566 -24.86 15.81 16.20
N ARG B 567 -24.45 15.21 15.08
CA ARG B 567 -24.55 13.77 14.88
C ARG B 567 -23.20 13.24 14.44
N LEU B 568 -22.93 12.00 14.82
CA LEU B 568 -21.63 11.39 14.62
C LEU B 568 -21.65 10.51 13.38
N ILE B 569 -20.61 10.65 12.55
CA ILE B 569 -20.44 9.92 11.30
C ILE B 569 -19.32 8.92 11.52
N ARG B 570 -19.64 7.64 11.29
CA ARG B 570 -18.63 6.60 11.21
C ARG B 570 -18.01 6.64 9.83
N VAL B 571 -16.69 6.75 9.77
CA VAL B 571 -15.93 6.73 8.52
C VAL B 571 -15.05 5.49 8.58
N GLU B 572 -15.39 4.49 7.76
CA GLU B 572 -14.62 3.25 7.70
C GLU B 572 -13.71 3.32 6.49
N ILE B 573 -12.41 3.18 6.72
CA ILE B 573 -11.39 3.36 5.69
C ILE B 573 -10.64 2.05 5.54
N LEU B 574 -10.81 1.37 4.40
CA LEU B 574 -10.26 0.04 4.23
C LEU B 574 -9.66 -0.15 2.84
N MET B 575 -8.53 -0.87 2.76
CA MET B 575 -7.87 -1.09 1.45
C MET B 575 -8.25 -2.46 0.86
N GLU B 576 -8.87 -2.46 -0.32
CA GLU B 576 -9.30 -3.73 -0.96
C GLU B 576 -8.12 -4.31 -1.76
N ASP B 577 -7.69 -3.63 -2.82
CA ASP B 577 -6.52 -3.97 -3.63
C ASP B 577 -6.20 -2.72 -4.48
N ALA B 578 -5.16 -1.98 -4.08
CA ALA B 578 -4.93 -0.64 -4.67
C ALA B 578 -6.13 0.31 -4.69
N THR B 579 -7.12 0.06 -3.83
CA THR B 579 -8.35 0.90 -3.80
C THR B 579 -8.77 1.13 -2.34
N ILE B 580 -8.57 2.34 -1.83
CA ILE B 580 -8.94 2.69 -0.48
C ILE B 580 -10.39 3.12 -0.50
N PHE B 581 -11.28 2.27 0.00
CA PHE B 581 -12.70 2.58 0.09
C PHE B 581 -12.98 3.32 1.39
N LEU B 582 -13.65 4.47 1.26
CA LEU B 582 -14.15 5.26 2.38
C LEU B 582 -15.65 5.08 2.45
N ASN B 583 -16.15 4.63 3.60
CA ASN B 583 -17.57 4.38 3.80
C ASN B 583 -18.08 5.32 4.88
N LEU B 584 -19.11 6.09 4.55
CA LEU B 584 -19.66 7.11 5.43
C LEU B 584 -21.03 6.65 5.91
N SER B 585 -21.16 6.38 7.20
CA SER B 585 -22.44 5.99 7.77
C SER B 585 -22.73 6.85 8.99
N MET B 586 -23.98 6.81 9.46
CA MET B 586 -24.34 7.45 10.71
C MET B 586 -24.10 6.47 11.85
N GLU B 587 -23.39 6.92 12.88
CA GLU B 587 -22.98 6.04 13.98
C GLU B 587 -24.18 5.74 14.88
N GLN B 588 -24.62 4.49 14.86
CA GLN B 588 -25.73 4.02 15.70
C GLN B 588 -25.20 3.28 16.93
N ARG B 589 -24.28 3.93 17.62
CA ARG B 589 -23.60 3.38 18.80
C ARG B 589 -23.32 4.56 19.72
N ASN B 590 -23.15 4.29 21.02
CA ASN B 590 -22.76 5.31 21.99
C ASN B 590 -21.45 5.97 21.58
N TRP B 591 -21.37 7.28 21.85
CA TRP B 591 -20.25 8.11 21.44
C TRP B 591 -19.01 7.74 22.25
N PRO B 592 -17.79 7.99 21.73
CA PRO B 592 -16.57 7.50 22.42
C PRO B 592 -16.30 8.15 23.75
N PHE B 593 -16.87 9.32 24.04
CA PHE B 593 -16.65 10.00 25.31
C PHE B 593 -17.98 10.45 25.89
N SER B 594 -18.06 10.42 27.22
CA SER B 594 -19.21 10.94 27.95
C SER B 594 -18.70 11.83 29.07
N MET B 595 -18.97 13.13 28.97
CA MET B 595 -18.59 14.09 29.99
C MET B 595 -19.67 14.11 31.06
N ARG B 596 -19.30 13.67 32.27
CA ARG B 596 -20.23 13.49 33.38
C ARG B 596 -19.80 14.43 34.50
N ASN B 597 -20.51 15.54 34.65
CA ASN B 597 -20.22 16.52 35.70
C ASN B 597 -21.14 16.21 36.89
N GLU B 598 -20.60 15.52 37.88
CA GLU B 598 -21.30 15.20 39.11
C GLU B 598 -21.12 16.27 40.18
N SER B 599 -20.39 17.34 39.88
CA SER B 599 -20.09 18.38 40.86
C SER B 599 -21.10 19.53 40.74
N ASP B 600 -20.99 20.48 41.67
CA ASP B 600 -21.85 21.64 41.71
C ASP B 600 -21.23 22.86 41.01
N THR B 601 -20.44 22.64 39.98
CA THR B 601 -19.68 23.70 39.33
C THR B 601 -19.83 23.61 37.81
N GLU B 602 -20.25 24.71 37.19
CA GLU B 602 -20.34 24.77 35.74
C GLU B 602 -18.95 24.82 35.12
N PHE B 603 -18.70 23.92 34.19
CA PHE B 603 -17.44 23.83 33.48
C PHE B 603 -17.65 24.21 32.02
N THR B 604 -16.55 24.43 31.33
CA THR B 604 -16.55 24.53 29.87
C THR B 604 -15.34 23.76 29.35
N PHE B 605 -15.54 22.92 28.35
CA PHE B 605 -14.43 22.13 27.84
C PHE B 605 -14.25 22.31 26.34
N TYR B 606 -13.01 22.19 25.90
CA TYR B 606 -12.68 22.33 24.48
C TYR B 606 -11.46 21.49 24.16
N GLN B 607 -11.32 21.10 22.89
CA GLN B 607 -10.15 20.34 22.44
C GLN B 607 -8.93 21.24 22.33
N VAL B 608 -7.80 20.76 22.84
CA VAL B 608 -6.58 21.56 22.94
C VAL B 608 -5.97 21.75 21.55
N ASN B 609 -5.44 22.96 21.30
CA ASN B 609 -4.71 23.25 20.07
C ASN B 609 -3.46 22.37 19.98
N PRO B 610 -3.26 21.63 18.89
CA PRO B 610 -2.00 20.86 18.75
C PRO B 610 -0.79 21.73 18.48
N THR B 611 -0.96 22.86 17.80
CA THR B 611 0.15 23.77 17.50
C THR B 611 0.35 24.76 18.64
N GLU B 618 2.03 22.80 8.90
CA GLU B 618 2.33 22.17 10.19
C GLU B 618 1.23 21.19 10.58
N ASP B 619 0.20 21.69 11.26
CA ASP B 619 -0.97 20.87 11.56
C ASP B 619 -1.95 20.87 10.40
N ARG B 620 -2.66 19.76 10.25
CA ARG B 620 -3.70 19.63 9.24
C ARG B 620 -5.00 19.15 9.89
N SER B 621 -5.21 19.52 11.15
CA SER B 621 -6.41 19.17 11.88
C SER B 621 -7.53 20.19 11.69
N GLY B 622 -7.20 21.39 11.23
CA GLY B 622 -8.18 22.45 11.08
C GLY B 622 -8.76 22.93 12.39
N TRP B 623 -7.90 23.17 13.38
CA TRP B 623 -8.38 23.47 14.73
C TRP B 623 -8.92 24.90 14.79
N ARG B 624 -10.17 25.02 15.21
CA ARG B 624 -10.85 26.27 15.50
C ARG B 624 -11.43 26.16 16.90
N PRO B 625 -11.65 27.29 17.63
CA PRO B 625 -12.18 27.13 18.99
C PRO B 625 -13.65 26.74 19.03
N VAL B 626 -13.92 25.55 19.56
CA VAL B 626 -15.27 25.08 19.80
C VAL B 626 -15.35 24.71 21.28
N ARG B 627 -15.99 25.56 22.07
CA ARG B 627 -16.13 25.38 23.51
C ARG B 627 -17.53 24.83 23.80
N TYR B 628 -17.61 23.97 24.81
CA TYR B 628 -18.86 23.36 25.24
C TYR B 628 -19.12 23.71 26.69
N ARG B 629 -20.39 23.93 27.03
CA ARG B 629 -20.80 24.24 28.38
C ARG B 629 -21.31 22.98 29.07
N LEU B 630 -20.73 22.67 30.23
CA LEU B 630 -21.12 21.52 31.03
C LEU B 630 -21.65 22.05 32.37
N PRO B 631 -22.96 22.26 32.48
CA PRO B 631 -23.56 22.79 33.74
C PRO B 631 -23.46 21.79 34.88
N PRO B 632 -23.68 22.22 36.15
CA PRO B 632 -23.58 21.28 37.28
C PRO B 632 -24.62 20.17 37.27
N ARG B 633 -24.16 18.96 37.61
CA ARG B 633 -24.94 17.72 37.63
C ARG B 633 -25.55 17.43 36.26
N SER B 634 -24.68 17.26 35.26
CA SER B 634 -25.11 17.07 33.90
C SER B 634 -24.25 16.01 33.23
N ILE B 635 -24.66 15.60 32.03
CA ILE B 635 -23.91 14.61 31.26
C ILE B 635 -24.12 14.92 29.77
N MET B 636 -23.07 14.72 28.97
CA MET B 636 -23.17 14.97 27.52
C MET B 636 -22.11 14.14 26.78
N PRO B 637 -22.49 13.38 25.73
CA PRO B 637 -21.52 12.59 24.96
C PRO B 637 -20.68 13.51 24.05
N TYR B 638 -19.39 13.21 23.92
CA TYR B 638 -18.50 14.07 23.10
C TYR B 638 -17.64 13.23 22.16
N ALA B 639 -17.43 13.71 20.94
CA ALA B 639 -16.51 13.03 20.01
C ALA B 639 -15.46 14.05 19.60
N TRP B 640 -14.20 13.64 19.40
CA TRP B 640 -13.17 14.64 19.13
C TRP B 640 -13.61 15.59 18.02
N ASP B 641 -13.46 16.89 18.30
CA ASP B 641 -13.83 17.92 17.32
C ASP B 641 -12.94 17.87 16.10
N PHE B 642 -11.67 17.48 16.28
CA PHE B 642 -10.68 17.44 15.21
C PHE B 642 -9.91 16.13 15.31
N PRO B 643 -10.37 15.09 14.62
CA PRO B 643 -9.72 13.77 14.73
C PRO B 643 -8.39 13.66 13.99
N ALA B 644 -7.99 14.66 13.19
CA ALA B 644 -6.71 14.61 12.49
C ALA B 644 -5.54 15.09 13.34
N ALA B 645 -5.77 15.44 14.61
CA ALA B 645 -4.71 15.86 15.50
C ALA B 645 -3.88 14.67 15.98
N LYS B 646 -2.58 14.91 16.17
CA LYS B 646 -1.68 13.86 16.65
C LYS B 646 -1.89 13.60 18.15
N HIS B 647 -1.57 14.60 18.97
CA HIS B 647 -1.83 14.53 20.41
C HIS B 647 -3.20 15.15 20.67
N LYS B 648 -4.11 14.35 21.24
CA LYS B 648 -5.50 14.76 21.45
C LYS B 648 -5.81 14.75 22.94
N GLU B 649 -5.99 15.93 23.53
CA GLU B 649 -6.41 16.09 24.91
C GLU B 649 -7.54 17.12 24.98
N ILE B 650 -8.24 17.16 26.11
CA ILE B 650 -9.24 18.20 26.31
C ILE B 650 -8.80 19.13 27.42
N CYS B 651 -9.46 20.28 27.47
CA CYS B 651 -9.21 21.32 28.44
C CYS B 651 -10.52 21.67 29.10
N ILE B 652 -10.60 21.46 30.42
CA ILE B 652 -11.75 21.88 31.20
C ILE B 652 -11.43 23.21 31.88
N CYS B 653 -12.47 24.03 32.04
CA CYS B 653 -12.32 25.43 32.42
C CYS B 653 -13.40 25.78 33.43
N ALA B 654 -12.98 26.39 34.53
CA ALA B 654 -13.90 26.88 35.56
C ALA B 654 -13.20 27.97 36.35
N TYR B 655 -13.90 29.12 36.50
CA TYR B 655 -13.47 30.27 37.32
C TYR B 655 -12.09 30.79 36.91
N ASN B 656 -11.93 30.98 35.59
CA ASN B 656 -10.66 31.38 34.93
C ASN B 656 -9.51 30.42 35.23
N LYS B 657 -9.82 29.14 35.47
CA LYS B 657 -8.82 28.11 35.68
C LYS B 657 -8.98 27.06 34.60
N GLU B 658 -7.86 26.53 34.11
CA GLU B 658 -7.86 25.54 33.05
C GLU B 658 -7.08 24.31 33.48
N ARG B 659 -7.53 23.15 33.02
CA ARG B 659 -6.86 21.88 33.29
C ARG B 659 -6.91 21.03 32.04
N HIS B 660 -5.74 20.65 31.54
CA HIS B 660 -5.67 19.65 30.48
C HIS B 660 -5.81 18.27 31.07
N VAL B 661 -6.74 17.49 30.54
CA VAL B 661 -6.88 16.08 30.90
C VAL B 661 -6.90 15.27 29.61
N LYS B 662 -6.30 14.09 29.67
CA LYS B 662 -6.35 13.14 28.57
C LYS B 662 -7.69 12.39 28.62
N LEU B 663 -7.92 11.54 27.63
CA LEU B 663 -9.23 10.92 27.50
C LEU B 663 -9.14 9.43 27.22
N GLN B 664 -7.94 8.85 27.23
CA GLN B 664 -7.74 7.42 27.04
C GLN B 664 -7.19 6.72 28.28
N GLU B 665 -6.38 7.39 29.08
CA GLU B 665 -5.84 6.80 30.30
C GLU B 665 -6.90 6.77 31.40
N ILE B 666 -6.62 5.97 32.44
CA ILE B 666 -7.57 5.81 33.53
C ILE B 666 -7.52 6.94 34.55
N GLY B 667 -6.58 7.87 34.41
CA GLY B 667 -6.49 9.00 35.30
C GLY B 667 -5.70 8.71 36.56
N ASN B 668 -5.51 9.76 37.34
CA ASN B 668 -4.74 9.66 38.58
C ASN B 668 -5.40 10.38 39.74
N LEU B 669 -6.66 10.84 39.57
CA LEU B 669 -7.45 11.60 40.56
C LEU B 669 -6.73 12.87 41.01
N MET B 670 -6.07 13.54 40.06
CA MET B 670 -5.37 14.80 40.33
C MET B 670 -6.38 15.93 40.45
N PRO B 671 -6.54 16.52 41.63
CA PRO B 671 -7.65 17.46 41.84
C PRO B 671 -7.34 18.83 41.27
N MET B 672 -8.42 19.59 41.05
CA MET B 672 -8.35 20.94 40.51
C MET B 672 -8.93 21.91 41.54
N LYS B 673 -8.15 22.91 41.92
CA LYS B 673 -8.54 23.86 42.95
C LYS B 673 -9.00 25.16 42.30
N LEU B 674 -10.26 25.53 42.55
CA LEU B 674 -10.85 26.73 41.97
C LEU B 674 -11.09 27.78 43.04
N ALA B 675 -10.73 29.03 42.72
CA ALA B 675 -10.90 30.17 43.62
C ALA B 675 -12.21 30.88 43.27
N LEU B 676 -13.21 30.71 44.13
CA LEU B 676 -14.55 31.22 43.92
C LEU B 676 -14.61 32.72 44.26
N PRO B 677 -15.55 33.47 43.66
CA PRO B 677 -15.61 34.91 43.95
C PRO B 677 -16.17 35.27 45.32
N ASN B 678 -16.67 34.32 46.10
CA ASN B 678 -17.07 34.62 47.47
C ASN B 678 -15.92 34.52 48.47
N GLY B 679 -14.73 34.10 48.02
CA GLY B 679 -13.55 34.03 48.86
C GLY B 679 -13.14 32.63 49.26
N GLU B 680 -14.02 31.64 49.09
CA GLU B 680 -13.71 30.27 49.44
C GLU B 680 -13.01 29.59 48.27
N SER B 681 -12.64 28.32 48.48
CA SER B 681 -12.00 27.51 47.46
C SER B 681 -12.73 26.18 47.34
N LYS B 682 -12.90 25.72 46.11
CA LYS B 682 -13.50 24.41 45.84
C LYS B 682 -12.48 23.48 45.21
N THR B 683 -12.69 22.17 45.40
CA THR B 683 -11.75 21.15 44.91
C THR B 683 -12.52 20.12 44.11
N ILE B 684 -12.21 20.02 42.82
CA ILE B 684 -12.90 19.12 41.90
C ILE B 684 -12.01 17.91 41.61
N ASP B 685 -12.50 16.73 41.97
CA ASP B 685 -11.80 15.49 41.66
C ASP B 685 -12.14 15.07 40.24
N ILE B 686 -11.12 14.60 39.52
CA ILE B 686 -11.20 14.26 38.10
C ILE B 686 -10.84 12.80 37.93
N ASN B 687 -11.76 11.99 37.42
CA ASN B 687 -11.49 10.58 37.16
C ASN B 687 -11.96 10.22 35.76
N VAL B 688 -11.36 9.16 35.19
CA VAL B 688 -11.76 8.64 33.88
C VAL B 688 -12.01 7.15 34.02
N THR B 689 -13.26 6.73 33.78
CA THR B 689 -13.61 5.32 33.79
C THR B 689 -13.79 4.81 32.36
N ALA B 690 -13.73 3.48 32.22
CA ALA B 690 -13.76 2.82 30.92
C ALA B 690 -14.96 1.88 30.87
N ASP B 691 -16.06 2.34 30.26
CA ASP B 691 -17.26 1.54 30.08
C ASP B 691 -17.24 1.02 28.65
N GLY B 692 -16.56 -0.12 28.45
CA GLY B 692 -16.44 -0.75 27.17
C GLY B 692 -15.67 0.07 26.16
N PRO B 693 -16.32 0.43 25.04
CA PRO B 693 -15.70 1.36 24.09
C PRO B 693 -15.80 2.83 24.50
N THR B 694 -16.62 3.17 25.49
CA THR B 694 -16.83 4.55 25.91
C THR B 694 -15.90 4.88 27.07
N GLN B 695 -15.29 6.06 27.03
CA GLN B 695 -14.50 6.57 28.14
C GLN B 695 -15.27 7.72 28.80
N THR B 696 -15.58 7.57 30.08
CA THR B 696 -16.41 8.52 30.79
C THR B 696 -15.55 9.39 31.70
N LEU B 697 -15.65 10.71 31.53
CA LEU B 697 -14.96 11.67 32.39
C LEU B 697 -15.89 12.10 33.51
N ILE B 698 -15.47 11.87 34.75
CA ILE B 698 -16.28 12.14 35.93
C ILE B 698 -15.62 13.27 36.72
N LEU B 699 -16.33 14.38 36.86
CA LEU B 699 -15.91 15.53 37.68
C LEU B 699 -16.79 15.57 38.92
N SER B 700 -16.19 15.36 40.09
CA SER B 700 -16.94 15.26 41.34
C SER B 700 -16.42 16.26 42.35
N ASN B 701 -17.15 16.40 43.45
CA ASN B 701 -16.75 17.27 44.54
C ASN B 701 -15.89 16.50 45.55
N TYR B 702 -14.84 17.15 46.03
CA TYR B 702 -13.96 16.54 47.02
C TYR B 702 -14.23 17.10 48.42
#